data_7U8G
#
_entry.id   7U8G
#
_cell.length_a   1.00
_cell.length_b   1.00
_cell.length_c   1.00
_cell.angle_alpha   90.00
_cell.angle_beta   90.00
_cell.angle_gamma   90.00
#
_symmetry.space_group_name_H-M   'P 1'
#
loop_
_entity.id
_entity.type
_entity.pdbx_description
1 polymer 'EGFP, Cytochrome b-245 heavy chain chimera'
2 polymer 'Cytochrome b-245 light chain'
3 polymer '7G5 - heavy chain'
4 polymer '7G5 - light chain'
5 non-polymer '(2S)-3-(hexadecanoyloxy)-2-[(9Z)-octadec-9-enoyloxy]propyl 2-(trimethylammonio)ethyl phosphate'
6 non-polymer 2-acetamido-2-deoxy-beta-D-glucopyranose
7 non-polymer 'PROTOPORPHYRIN IX CONTAINING FE'
#
loop_
_entity_poly.entity_id
_entity_poly.type
_entity_poly.pdbx_seq_one_letter_code
_entity_poly.pdbx_strand_id
1 'polypeptide(L)'
;MSAWSHPQFEKGGGSGGGSGGSAWSHPQFEKGSGMVSKGEELFTGVVPILVELDGDVNGHKFSVSGEGEGDATYGKLTLK
FICTTGKLPVPWPTLVTTLTYGVQCFSRYPDHMKQHDFFKSAMPEGYVQERTIFFKDDGNYKTRAEVKFEGDTLVNRIEL
KGIDFKEDGNILGHKLEYNYNSHNVYIMADKQKNGIKVNFKIRHNIEDGSVQLADHYQQNTPIGDGPVLLPDNHYLSTQS
ALSKDPNEKRDHMVLLEFVTAAGITLGMDELYKGSGENLYFQGGSGLVPRGSGSGGNWAVNEGLSIFVILVWLGLNVFLF
VWYYRVYDIPPKFFYTRKLLGSALALARAPAACLNFNCMLILLPVCRNLLSFLRGSSACCSTRVRRQLDRNLTFHKMVAW
MIALHSAIHTIAHLFNVEWCVNARVNNSDPYSVALSELGDRQNESYLNFARKRIKNPEGGLYLAVTLLAGITGVVITLCL
ILIITSSTKTIRRSYFEVFWYTHHLFVIFFIGLAIHGAERIVRGQTAESLAVHNITVCEQKISEWGKIKECPIPQFAGNP
PMTWKWIVGPMFLYLCERLVRFWRSQQKVVITKVVTHPFKTIELQMKKKGFKMEVGQYIFVKCPKVSKLEWHPFTLTSAP
EEDFFSIHIRIVGDWTEGLFNACGCDKQEFQDAWKLPKIAVDGPFGTASEDVFSYEVVMLVGAGIGVTPFASILKSVWYK
YCNNATNLKLKKIYFYWLCRDTHAFEWFADLLQLLESQMQERNNAGFLSYNIYLTGWDESQANHFAVHHDEEKDVITGLK
QKTLYGRPNWDNEFKTIASQHPNTRIGVFLCGPEALAETLSKQSISNSESGPRGVHFIFNKENF
;
A
2 'polypeptide(L)'
;MGQIEWAMWANEQALASGLILITGGIVATAGRFTQWYFGAYSIVAGVFVCLLEYPRGKRKKGSTMERWGQKYMTAVVKLF
GPFTRNYYVRAVLHLLLSVPAGFLLATILGTACLAIASGIYLLAAVRGEQWTPIEPKPRERPQIGGTIKQPPSNPPPRPP
AEARKKPSEEEAAVAAGGPPGGPQVNPIPVTDEVV
;
B
3 'polypeptide(L)'
;QSLEESGGDLVKPGASLTLTCTASGIDFSGYHYMCWVRQAPGKGLEWIGCTHSGDGTTYYARWAKGRFTISKTSSTTVTL
QMTSLTAADTATYFCARRYVFSGGYSGLDSWGPGTLVTVSSASTKGPSVFPLAPSSKSTSGGTAALGCLVKDYFPEPVTV
SWNSGALTSGVHTFPAVLQSSGLYSLSSVVTVPSSSLGTQTYICNVNHKPSNTKVDKKVEPKSCD
;
D
4 'polypeptide(L)'
;ALVMTQTPSSVSAAVRGTVTIKCQASENIYSNLAWYQQKPGQPPKLLIYGASKLASGVPSRFKGSGSGTDYTLTIRDLEA
ADAATYYCQQFYDSLNTDNAFGGGTKVEIKRTVAAPSVFIFPPSDEQLKSGTASVVCLLNNFYPREAKVQWKVDNALQSG
NSQESVTEQDSKDSTYSLSSTLTLSKADYEKHKVYACEVTHQGLSSPVTKSFNRGEC
;
E
#
loop_
_chem_comp.id
_chem_comp.type
_chem_comp.name
_chem_comp.formula
HEM non-polymer 'PROTOPORPHYRIN IX CONTAINING FE' 'C34 H32 Fe N4 O4'
NAG D-saccharide, beta linking 2-acetamido-2-deoxy-beta-D-glucopyranose 'C8 H15 N O6'
POV non-polymer '(2S)-3-(hexadecanoyloxy)-2-[(9Z)-octadec-9-enoyloxy]propyl 2-(trimethylammonio)ethyl phosphate' 'C42 H82 N O8 P'
#
# COMPACT_ATOMS: atom_id res chain seq x y z
N ASN A 301 -50.66 8.91 -8.13
CA ASN A 301 -49.56 8.59 -9.03
C ASN A 301 -48.39 7.96 -8.27
N GLU A 302 -48.71 7.01 -7.38
CA GLU A 302 -47.67 6.32 -6.63
C GLU A 302 -46.75 5.52 -7.55
N GLY A 303 -47.19 5.22 -8.77
CA GLY A 303 -46.32 4.52 -9.70
C GLY A 303 -45.06 5.31 -10.02
N LEU A 304 -45.21 6.63 -10.18
CA LEU A 304 -44.04 7.47 -10.46
C LEU A 304 -43.06 7.43 -9.29
N SER A 305 -43.56 7.53 -8.06
CA SER A 305 -42.68 7.49 -6.89
C SER A 305 -41.98 6.14 -6.80
N ILE A 306 -42.71 5.04 -7.02
CA ILE A 306 -42.09 3.72 -6.95
C ILE A 306 -41.02 3.58 -8.03
N PHE A 307 -41.32 4.07 -9.24
CA PHE A 307 -40.33 4.02 -10.31
C PHE A 307 -39.09 4.83 -9.95
N VAL A 308 -39.27 6.01 -9.36
CA VAL A 308 -38.13 6.83 -8.99
C VAL A 308 -37.28 6.12 -7.95
N ILE A 309 -37.92 5.53 -6.93
CA ILE A 309 -37.16 4.83 -5.90
C ILE A 309 -36.40 3.65 -6.49
N LEU A 310 -37.05 2.88 -7.37
CA LEU A 310 -36.39 1.74 -7.98
C LEU A 310 -35.22 2.18 -8.85
N VAL A 311 -35.39 3.25 -9.61
CA VAL A 311 -34.30 3.75 -10.45
C VAL A 311 -33.15 4.21 -9.58
N TRP A 312 -33.46 4.87 -8.46
CA TRP A 312 -32.42 5.30 -7.53
C TRP A 312 -31.63 4.11 -7.00
N LEU A 313 -32.34 3.06 -6.56
CA LEU A 313 -31.66 1.88 -6.06
C LEU A 313 -30.78 1.25 -7.14
N GLY A 314 -31.32 1.15 -8.36
CA GLY A 314 -30.55 0.56 -9.44
C GLY A 314 -29.31 1.35 -9.76
N LEU A 315 -29.43 2.68 -9.81
CA LEU A 315 -28.27 3.51 -10.09
C LEU A 315 -27.22 3.41 -8.99
N ASN A 316 -27.65 3.40 -7.73
CA ASN A 316 -26.69 3.27 -6.63
C ASN A 316 -25.95 1.94 -6.70
N VAL A 317 -26.69 0.85 -6.92
CA VAL A 317 -26.06 -0.46 -6.99
C VAL A 317 -25.12 -0.52 -8.19
N PHE A 318 -25.55 0.00 -9.34
CA PHE A 318 -24.71 -0.03 -10.53
C PHE A 318 -23.43 0.76 -10.31
N LEU A 319 -23.54 1.96 -9.72
CA LEU A 319 -22.35 2.76 -9.46
C LEU A 319 -21.40 2.05 -8.50
N PHE A 320 -21.94 1.48 -7.42
CA PHE A 320 -21.09 0.79 -6.47
C PHE A 320 -20.33 -0.35 -7.14
N VAL A 321 -21.06 -1.22 -7.85
CA VAL A 321 -20.42 -2.38 -8.47
C VAL A 321 -19.43 -1.93 -9.54
N TRP A 322 -19.81 -0.95 -10.35
CA TRP A 322 -18.94 -0.49 -11.43
C TRP A 322 -17.64 0.08 -10.89
N TYR A 323 -17.71 0.91 -9.85
CA TYR A 323 -16.48 1.50 -9.35
C TYR A 323 -15.68 0.50 -8.53
N TYR A 324 -16.33 -0.48 -7.90
CA TYR A 324 -15.59 -1.57 -7.29
C TYR A 324 -14.77 -2.30 -8.36
N ARG A 325 -15.40 -2.60 -9.49
CA ARG A 325 -14.67 -3.23 -10.59
C ARG A 325 -13.54 -2.34 -11.07
N VAL A 326 -13.80 -1.03 -11.20
CA VAL A 326 -12.79 -0.11 -11.72
C VAL A 326 -11.56 -0.09 -10.81
N TYR A 327 -11.78 -0.07 -9.50
CA TYR A 327 -10.67 0.04 -8.56
C TYR A 327 -10.15 -1.29 -8.06
N ASP A 328 -10.71 -2.41 -8.55
CA ASP A 328 -10.29 -3.73 -8.09
C ASP A 328 -9.62 -4.56 -9.17
N ILE A 329 -10.20 -4.61 -10.37
CA ILE A 329 -9.72 -5.49 -11.44
C ILE A 329 -8.48 -4.92 -12.12
N PRO A 330 -8.50 -3.68 -12.60
CA PRO A 330 -7.46 -3.24 -13.53
C PRO A 330 -6.09 -3.32 -12.90
N PRO A 331 -5.04 -3.53 -13.71
CA PRO A 331 -3.68 -3.60 -13.16
C PRO A 331 -3.06 -2.26 -12.83
N LYS A 332 -3.71 -1.14 -13.21
CA LYS A 332 -3.18 0.16 -12.83
C LYS A 332 -3.03 0.27 -11.32
N PHE A 333 -4.04 -0.17 -10.58
CA PHE A 333 -4.00 -0.18 -9.13
C PHE A 333 -3.45 -1.48 -8.57
N PHE A 334 -2.61 -2.19 -9.33
CA PHE A 334 -2.10 -3.47 -8.86
C PHE A 334 -1.35 -3.31 -7.55
N TYR A 335 -0.37 -2.40 -7.52
CA TYR A 335 0.40 -2.21 -6.30
C TYR A 335 -0.43 -1.54 -5.22
N THR A 336 -1.33 -0.63 -5.60
CA THR A 336 -2.17 0.02 -4.61
C THR A 336 -2.99 -1.00 -3.84
N ARG A 337 -3.62 -1.94 -4.54
CA ARG A 337 -4.39 -2.95 -3.83
C ARG A 337 -3.49 -4.01 -3.22
N LYS A 338 -2.30 -4.25 -3.80
CA LYS A 338 -1.33 -5.10 -3.12
C LYS A 338 -1.00 -4.56 -1.74
N LEU A 339 -1.08 -3.23 -1.58
CA LEU A 339 -0.81 -2.60 -0.30
C LEU A 339 -2.07 -2.48 0.57
N LEU A 340 -3.24 -2.29 -0.04
CA LEU A 340 -4.45 -1.96 0.70
C LEU A 340 -5.53 -3.03 0.70
N GLY A 341 -5.22 -4.25 0.25
CA GLY A 341 -6.29 -5.24 0.22
C GLY A 341 -7.44 -4.77 -0.66
N SER A 342 -8.63 -5.24 -0.32
CA SER A 342 -9.85 -4.78 -0.99
C SER A 342 -10.39 -3.49 -0.38
N ALA A 343 -9.74 -2.97 0.66
CA ALA A 343 -10.18 -1.71 1.24
C ALA A 343 -10.10 -0.58 0.23
N LEU A 344 -9.19 -0.67 -0.75
CA LEU A 344 -9.14 0.34 -1.80
C LEU A 344 -10.47 0.43 -2.53
N ALA A 345 -10.96 -0.69 -3.04
CA ALA A 345 -12.23 -0.70 -3.75
C ALA A 345 -13.37 -0.34 -2.82
N LEU A 346 -13.35 -0.87 -1.60
CA LEU A 346 -14.45 -0.62 -0.67
C LEU A 346 -14.49 0.82 -0.20
N ALA A 347 -13.40 1.57 -0.34
CA ALA A 347 -13.39 2.98 0.01
C ALA A 347 -13.66 3.87 -1.20
N ARG A 348 -13.31 3.43 -2.41
CA ARG A 348 -13.48 4.27 -3.59
C ARG A 348 -14.80 4.04 -4.32
N ALA A 349 -15.52 2.93 -4.03
CA ALA A 349 -16.86 2.79 -4.61
C ALA A 349 -17.88 3.60 -3.83
N PRO A 350 -17.93 3.56 -2.50
CA PRO A 350 -18.79 4.50 -1.79
C PRO A 350 -18.45 5.94 -2.08
N ALA A 351 -17.23 6.24 -2.53
CA ALA A 351 -16.92 7.60 -2.95
C ALA A 351 -17.77 8.01 -4.15
N ALA A 352 -17.87 7.11 -5.14
CA ALA A 352 -18.72 7.40 -6.30
C ALA A 352 -20.18 7.49 -5.90
N CYS A 353 -20.65 6.54 -5.07
CA CYS A 353 -22.03 6.61 -4.62
C CYS A 353 -22.31 7.89 -3.85
N LEU A 354 -21.31 8.37 -3.10
CA LEU A 354 -21.47 9.60 -2.34
C LEU A 354 -21.49 10.81 -3.25
N ASN A 355 -20.67 10.81 -4.31
CA ASN A 355 -20.78 11.88 -5.29
C ASN A 355 -22.18 11.94 -5.86
N PHE A 356 -22.72 10.78 -6.24
CA PHE A 356 -24.09 10.74 -6.79
C PHE A 356 -25.10 11.28 -5.79
N ASN A 357 -25.07 10.77 -4.56
CA ASN A 357 -26.08 11.15 -3.57
C ASN A 357 -25.93 12.61 -3.17
N CYS A 358 -24.71 13.12 -3.08
CA CYS A 358 -24.50 14.51 -2.75
C CYS A 358 -24.93 15.43 -3.88
N MET A 359 -24.86 14.97 -5.13
CA MET A 359 -25.50 15.71 -6.21
C MET A 359 -27.02 15.72 -6.03
N LEU A 360 -27.59 14.58 -5.64
CA LEU A 360 -29.04 14.46 -5.57
C LEU A 360 -29.63 15.21 -4.37
N ILE A 361 -28.86 15.37 -3.29
CA ILE A 361 -29.46 15.70 -2.00
C ILE A 361 -30.19 17.04 -2.05
N LEU A 362 -29.58 18.05 -2.67
CA LEU A 362 -30.15 19.40 -2.60
C LEU A 362 -31.28 19.63 -3.60
N LEU A 363 -31.42 18.79 -4.62
CA LEU A 363 -32.45 19.05 -5.62
C LEU A 363 -33.86 19.00 -5.06
N PRO A 364 -34.24 18.01 -4.24
CA PRO A 364 -35.62 17.99 -3.73
C PRO A 364 -36.04 19.25 -3.01
N VAL A 365 -35.15 19.86 -2.22
CA VAL A 365 -35.54 21.01 -1.42
C VAL A 365 -35.54 22.31 -2.23
N CYS A 366 -34.93 22.32 -3.41
CA CYS A 366 -34.92 23.50 -4.27
C CYS A 366 -36.30 23.65 -4.92
N ARG A 367 -37.20 24.29 -4.18
CA ARG A 367 -38.57 24.47 -4.68
C ARG A 367 -38.58 25.27 -5.97
N ASN A 368 -37.84 26.38 -6.01
CA ASN A 368 -37.80 27.24 -7.19
C ASN A 368 -36.66 26.84 -8.13
N ARG A 390 -43.49 14.00 -0.28
CA ARG A 390 -42.92 13.25 -1.39
C ARG A 390 -41.47 13.67 -1.61
N ASN A 391 -41.27 14.93 -2.02
CA ASN A 391 -39.92 15.41 -2.27
C ASN A 391 -39.09 15.42 -0.99
N LEU A 392 -39.69 15.82 0.13
CA LEU A 392 -38.96 15.77 1.39
C LEU A 392 -38.70 14.33 1.83
N THR A 393 -39.62 13.41 1.53
CA THR A 393 -39.34 12.01 1.79
C THR A 393 -38.12 11.55 1.01
N PHE A 394 -38.06 11.89 -0.29
CA PHE A 394 -36.89 11.52 -1.08
C PHE A 394 -35.62 12.18 -0.55
N HIS A 395 -35.74 13.41 -0.06
CA HIS A 395 -34.60 14.09 0.53
C HIS A 395 -34.08 13.32 1.74
N LYS A 396 -34.99 12.86 2.59
CA LYS A 396 -34.58 12.06 3.75
C LYS A 396 -33.94 10.75 3.33
N MET A 397 -34.50 10.07 2.32
CA MET A 397 -33.90 8.83 1.85
C MET A 397 -32.50 9.08 1.31
N VAL A 398 -32.32 10.16 0.56
CA VAL A 398 -31.00 10.47 0.02
C VAL A 398 -30.02 10.78 1.15
N ALA A 399 -30.49 11.49 2.18
CA ALA A 399 -29.62 11.79 3.31
C ALA A 399 -29.18 10.51 4.01
N TRP A 400 -30.10 9.57 4.18
CA TRP A 400 -29.74 8.33 4.86
C TRP A 400 -28.84 7.47 4.00
N MET A 401 -29.02 7.50 2.67
CA MET A 401 -28.08 6.80 1.80
C MET A 401 -26.70 7.42 1.87
N ILE A 402 -26.64 8.75 1.95
CA ILE A 402 -25.35 9.42 2.15
C ILE A 402 -24.72 8.94 3.44
N ALA A 403 -25.52 8.83 4.51
CA ALA A 403 -25.00 8.35 5.79
C ALA A 403 -24.44 6.95 5.66
N LEU A 404 -25.16 6.05 5.00
CA LEU A 404 -24.71 4.67 4.85
C LEU A 404 -23.40 4.60 4.06
N HIS A 405 -23.37 5.27 2.91
CA HIS A 405 -22.17 5.19 2.06
C HIS A 405 -21.00 5.89 2.74
N SER A 406 -21.26 6.94 3.51
CA SER A 406 -20.19 7.57 4.27
C SER A 406 -19.67 6.66 5.37
N ALA A 407 -20.56 5.86 5.97
CA ALA A 407 -20.09 4.89 6.96
C ALA A 407 -19.17 3.86 6.32
N ILE A 408 -19.57 3.33 5.16
CA ILE A 408 -18.73 2.34 4.48
C ILE A 408 -17.39 2.98 4.08
N HIS A 409 -17.45 4.19 3.52
CA HIS A 409 -16.25 4.90 3.12
C HIS A 409 -15.31 5.11 4.29
N THR A 410 -15.86 5.58 5.43
CA THR A 410 -15.02 5.87 6.59
C THR A 410 -14.40 4.60 7.15
N ILE A 411 -15.17 3.51 7.20
CA ILE A 411 -14.60 2.27 7.74
C ILE A 411 -13.49 1.75 6.83
N ALA A 412 -13.73 1.78 5.52
CA ALA A 412 -12.70 1.32 4.58
C ALA A 412 -11.45 2.16 4.71
N HIS A 413 -11.61 3.48 4.88
CA HIS A 413 -10.42 4.33 4.96
C HIS A 413 -9.74 4.24 6.31
N LEU A 414 -10.47 3.88 7.37
CA LEU A 414 -9.82 3.56 8.63
C LEU A 414 -8.93 2.34 8.46
N PHE A 415 -9.43 1.32 7.75
CA PHE A 415 -8.58 0.16 7.45
C PHE A 415 -7.37 0.57 6.63
N ASN A 416 -7.58 1.43 5.62
CA ASN A 416 -6.49 1.89 4.79
C ASN A 416 -5.43 2.61 5.62
N VAL A 417 -5.85 3.51 6.50
CA VAL A 417 -4.91 4.26 7.32
C VAL A 417 -4.14 3.32 8.23
N GLU A 418 -4.83 2.39 8.87
CA GLU A 418 -4.15 1.45 9.75
C GLU A 418 -3.10 0.66 8.99
N TRP A 419 -3.47 0.07 7.86
CA TRP A 419 -2.52 -0.75 7.11
C TRP A 419 -1.36 0.09 6.58
N CYS A 420 -1.65 1.30 6.09
CA CYS A 420 -0.60 2.15 5.56
C CYS A 420 0.40 2.52 6.64
N VAL A 421 -0.10 2.88 7.83
CA VAL A 421 0.80 3.27 8.91
C VAL A 421 1.60 2.07 9.39
N ASN A 422 0.96 0.89 9.47
CA ASN A 422 1.69 -0.31 9.86
C ASN A 422 2.77 -0.66 8.84
N ALA A 423 2.53 -0.41 7.56
CA ALA A 423 3.52 -0.66 6.54
C ALA A 423 4.66 0.35 6.55
N ARG A 424 4.37 1.63 6.78
CA ARG A 424 5.42 2.63 6.79
C ARG A 424 6.50 2.28 7.81
N VAL A 425 6.08 2.03 9.06
CA VAL A 425 7.00 1.40 10.01
C VAL A 425 7.11 -0.08 9.67
N ASN A 426 8.14 -0.71 10.24
CA ASN A 426 8.42 -2.12 9.93
C ASN A 426 7.53 -3.03 10.79
N ASN A 427 6.23 -2.97 10.49
CA ASN A 427 5.23 -3.73 11.24
C ASN A 427 4.19 -4.33 10.30
N SER A 428 4.57 -4.61 9.05
CA SER A 428 3.67 -5.19 8.07
C SER A 428 4.42 -6.27 7.31
N ASP A 429 3.76 -6.85 6.32
CA ASP A 429 4.39 -7.87 5.50
C ASP A 429 5.53 -7.25 4.69
N PRO A 430 6.55 -8.03 4.35
CA PRO A 430 7.74 -7.44 3.70
C PRO A 430 7.43 -6.74 2.38
N TYR A 431 6.49 -7.25 1.59
CA TYR A 431 6.19 -6.61 0.31
C TYR A 431 5.53 -5.26 0.51
N SER A 432 4.59 -5.18 1.45
CA SER A 432 3.95 -3.89 1.75
C SER A 432 4.97 -2.89 2.28
N VAL A 433 5.88 -3.34 3.14
CA VAL A 433 6.92 -2.44 3.65
C VAL A 433 7.80 -1.94 2.50
N ALA A 434 8.20 -2.85 1.62
CA ALA A 434 9.03 -2.46 0.49
C ALA A 434 8.32 -1.44 -0.39
N LEU A 435 7.01 -1.64 -0.63
CA LEU A 435 6.25 -0.65 -1.39
C LEU A 435 6.24 0.69 -0.66
N SER A 436 6.13 0.66 0.66
CA SER A 436 6.08 1.89 1.44
C SER A 436 7.37 2.70 1.38
N GLU A 437 8.50 2.07 1.04
CA GLU A 437 9.76 2.80 1.00
C GLU A 437 9.82 3.78 -0.17
N LEU A 438 8.95 3.63 -1.16
CA LEU A 438 8.97 4.54 -2.30
C LEU A 438 8.66 5.96 -1.87
N GLY A 439 9.24 6.92 -2.56
CA GLY A 439 9.02 8.32 -2.28
C GLY A 439 9.99 8.95 -1.31
N ASP A 440 10.92 8.17 -0.75
CA ASP A 440 11.90 8.74 0.17
C ASP A 440 12.97 9.54 -0.56
N ARG A 441 13.13 9.33 -1.86
CA ARG A 441 14.11 10.05 -2.67
C ARG A 441 13.43 11.13 -3.50
N GLN A 442 14.24 12.02 -4.07
CA GLN A 442 13.69 13.19 -4.77
C GLN A 442 12.85 12.77 -5.96
N ASN A 443 13.32 11.79 -6.72
CA ASN A 443 12.68 11.40 -7.99
C ASN A 443 11.78 10.18 -7.84
N GLU A 444 11.09 10.05 -6.71
CA GLU A 444 10.17 8.94 -6.47
C GLU A 444 8.81 9.49 -6.05
N SER A 445 7.76 8.84 -6.53
CA SER A 445 6.39 9.16 -6.13
C SER A 445 5.93 8.09 -5.15
N TYR A 446 5.47 8.52 -3.98
CA TYR A 446 5.10 7.57 -2.94
C TYR A 446 3.76 6.91 -3.25
N LEU A 447 3.61 5.69 -2.76
CA LEU A 447 2.33 4.97 -2.78
C LEU A 447 1.66 4.97 -1.42
N ASN A 448 2.44 4.77 -0.36
CA ASN A 448 1.94 4.82 1.01
C ASN A 448 1.81 6.27 1.44
N PHE A 449 0.58 6.75 1.57
CA PHE A 449 0.39 8.16 1.92
C PHE A 449 0.74 8.47 3.36
N ALA A 450 1.05 7.45 4.17
CA ALA A 450 1.54 7.66 5.52
C ALA A 450 3.06 7.76 5.48
N ARG A 451 3.58 8.98 5.36
CA ARG A 451 5.01 9.20 5.18
C ARG A 451 5.80 9.19 6.48
N LYS A 452 5.33 9.89 7.51
CA LYS A 452 6.04 9.91 8.78
C LYS A 452 6.02 8.52 9.41
N ARG A 453 7.17 8.10 9.92
CA ARG A 453 7.32 6.76 10.50
C ARG A 453 6.91 6.77 11.97
N ILE A 454 5.60 6.85 12.20
CA ILE A 454 5.03 6.88 13.54
C ILE A 454 4.18 5.63 13.73
N LYS A 455 4.32 5.00 14.89
CA LYS A 455 3.60 3.76 15.18
C LYS A 455 2.10 4.05 15.34
N ASN A 456 1.33 2.97 15.56
CA ASN A 456 -0.09 3.08 15.82
C ASN A 456 -0.36 3.04 17.32
N PRO A 457 -1.47 3.62 17.79
CA PRO A 457 -2.50 4.30 16.99
C PRO A 457 -2.19 5.77 16.76
N GLU A 458 -1.12 6.27 17.37
CA GLU A 458 -0.78 7.69 17.22
C GLU A 458 -0.52 8.05 15.77
N GLY A 459 -0.04 7.10 14.97
CA GLY A 459 0.22 7.38 13.56
C GLY A 459 -1.06 7.70 12.80
N GLY A 460 -2.10 6.89 13.02
CA GLY A 460 -3.37 7.17 12.37
C GLY A 460 -3.96 8.50 12.79
N LEU A 461 -3.88 8.81 14.09
CA LEU A 461 -4.36 10.10 14.56
C LEU A 461 -3.59 11.24 13.93
N TYR A 462 -2.27 11.09 13.80
CA TYR A 462 -1.47 12.13 13.16
C TYR A 462 -1.87 12.30 11.71
N LEU A 463 -2.12 11.20 11.01
CA LEU A 463 -2.58 11.30 9.63
C LEU A 463 -3.92 12.02 9.56
N ALA A 464 -4.82 11.74 10.51
CA ALA A 464 -6.15 12.34 10.47
C ALA A 464 -6.06 13.86 10.51
N VAL A 465 -5.19 14.40 11.37
CA VAL A 465 -5.09 15.85 11.52
C VAL A 465 -3.98 16.46 10.66
N THR A 466 -3.25 15.64 9.90
CA THR A 466 -2.20 16.16 9.03
C THR A 466 -2.68 16.23 7.58
N LEU A 467 -3.15 15.12 7.04
CA LEU A 467 -3.65 15.12 5.67
C LEU A 467 -4.81 16.07 5.52
N LEU A 468 -4.88 16.75 4.38
CA LEU A 468 -6.05 17.55 4.07
C LEU A 468 -7.29 16.67 4.00
N ALA A 469 -7.15 15.49 3.40
CA ALA A 469 -8.26 14.55 3.33
C ALA A 469 -8.72 14.14 4.73
N GLY A 470 -7.80 13.85 5.63
CA GLY A 470 -8.20 13.45 6.97
C GLY A 470 -8.94 14.55 7.72
N ILE A 471 -8.38 15.76 7.68
CA ILE A 471 -9.02 16.88 8.39
C ILE A 471 -10.41 17.14 7.84
N THR A 472 -10.50 17.27 6.51
CA THR A 472 -11.78 17.57 5.90
C THR A 472 -12.78 16.44 6.13
N GLY A 473 -12.34 15.19 6.07
CA GLY A 473 -13.22 14.07 6.31
C GLY A 473 -13.75 14.07 7.72
N VAL A 474 -12.88 14.32 8.70
CA VAL A 474 -13.34 14.38 10.09
C VAL A 474 -14.37 15.48 10.26
N VAL A 475 -14.08 16.66 9.71
CA VAL A 475 -14.98 17.80 9.89
C VAL A 475 -16.34 17.52 9.25
N ILE A 476 -16.34 17.07 7.99
CA ILE A 476 -17.60 16.84 7.30
C ILE A 476 -18.35 15.67 7.90
N THR A 477 -17.66 14.64 8.39
CA THR A 477 -18.36 13.55 9.06
C THR A 477 -19.03 14.05 10.33
N LEU A 478 -18.31 14.84 11.13
CA LEU A 478 -18.91 15.35 12.36
C LEU A 478 -20.14 16.19 12.03
N CYS A 479 -20.06 17.04 11.01
CA CYS A 479 -21.23 17.84 10.67
C CYS A 479 -22.35 16.95 10.11
N LEU A 480 -22.00 15.84 9.47
CA LEU A 480 -23.02 14.92 8.99
C LEU A 480 -23.79 14.29 10.14
N ILE A 481 -23.08 13.77 11.15
CA ILE A 481 -23.77 13.23 12.32
C ILE A 481 -24.57 14.32 13.01
N LEU A 482 -24.04 15.54 13.07
CA LEU A 482 -24.79 16.62 13.70
C LEU A 482 -26.10 16.88 12.97
N ILE A 483 -26.05 16.95 11.63
CA ILE A 483 -27.26 17.17 10.85
C ILE A 483 -28.25 16.04 11.06
N ILE A 484 -27.77 14.80 11.02
CA ILE A 484 -28.66 13.65 11.12
C ILE A 484 -29.31 13.61 12.50
N THR A 485 -28.54 13.86 13.55
CA THR A 485 -29.07 13.75 14.91
C THR A 485 -29.97 14.93 15.26
N SER A 486 -29.74 16.10 14.66
CA SER A 486 -30.58 17.26 14.90
C SER A 486 -31.74 17.37 13.93
N SER A 487 -31.81 16.49 12.93
CA SER A 487 -32.93 16.45 12.01
C SER A 487 -33.90 15.33 12.33
N THR A 488 -33.86 14.81 13.54
CA THR A 488 -34.77 13.75 13.93
C THR A 488 -36.18 14.31 14.01
N LYS A 489 -37.15 13.39 14.05
CA LYS A 489 -38.54 13.80 13.95
C LYS A 489 -38.95 14.71 15.11
N THR A 490 -38.53 14.37 16.34
CA THR A 490 -38.95 15.15 17.50
C THR A 490 -38.39 16.57 17.44
N ILE A 491 -37.09 16.71 17.20
CA ILE A 491 -36.51 18.05 17.11
C ILE A 491 -37.13 18.82 15.96
N ARG A 492 -37.48 18.13 14.88
CA ARG A 492 -38.00 18.82 13.70
C ARG A 492 -39.45 19.27 13.87
N ARG A 493 -40.26 18.52 14.63
CA ARG A 493 -41.63 18.97 14.84
C ARG A 493 -41.72 19.98 15.96
N SER A 494 -41.00 19.77 17.07
CA SER A 494 -41.24 20.52 18.29
C SER A 494 -40.15 21.54 18.60
N TYR A 495 -39.00 21.50 17.94
CA TYR A 495 -37.91 22.43 18.20
C TYR A 495 -37.32 22.93 16.89
N PHE A 496 -38.20 23.39 15.99
CA PHE A 496 -37.76 23.71 14.63
C PHE A 496 -36.64 24.75 14.62
N GLU A 497 -36.54 25.58 15.66
CA GLU A 497 -35.46 26.56 15.70
C GLU A 497 -34.10 25.88 15.71
N VAL A 498 -33.91 24.92 16.62
CA VAL A 498 -32.64 24.21 16.70
C VAL A 498 -32.39 23.47 15.40
N PHE A 499 -33.42 22.78 14.89
CA PHE A 499 -33.28 22.05 13.63
C PHE A 499 -32.77 22.97 12.52
N TRP A 500 -33.46 24.08 12.31
CA TRP A 500 -33.10 24.94 11.18
C TRP A 500 -31.73 25.57 11.38
N TYR A 501 -31.42 26.02 12.59
CA TYR A 501 -30.15 26.70 12.81
C TYR A 501 -28.98 25.75 12.65
N THR A 502 -29.12 24.49 13.10
CA THR A 502 -28.03 23.54 12.98
C THR A 502 -28.06 22.77 11.67
N HIS A 503 -29.11 22.93 10.85
CA HIS A 503 -29.13 22.29 9.55
C HIS A 503 -28.21 22.97 8.56
N HIS A 504 -27.84 24.22 8.81
CA HIS A 504 -26.97 24.95 7.92
C HIS A 504 -25.53 24.55 8.06
N LEU A 505 -25.28 23.43 8.73
CA LEU A 505 -23.98 22.79 8.66
C LEU A 505 -23.74 22.16 7.29
N PHE A 506 -24.76 22.11 6.44
CA PHE A 506 -24.53 21.61 5.09
C PHE A 506 -23.56 22.51 4.33
N VAL A 507 -23.47 23.78 4.71
CA VAL A 507 -22.47 24.67 4.11
C VAL A 507 -21.08 24.15 4.39
N ILE A 508 -20.79 23.86 5.66
CA ILE A 508 -19.49 23.29 6.02
C ILE A 508 -19.31 21.93 5.36
N PHE A 509 -20.37 21.12 5.33
CA PHE A 509 -20.31 19.82 4.69
C PHE A 509 -19.81 19.94 3.25
N PHE A 510 -20.43 20.82 2.47
CA PHE A 510 -20.09 20.91 1.05
C PHE A 510 -18.76 21.62 0.84
N ILE A 511 -18.45 22.62 1.65
CA ILE A 511 -17.14 23.28 1.53
C ILE A 511 -16.02 22.28 1.79
N GLY A 512 -16.16 21.47 2.84
CA GLY A 512 -15.16 20.45 3.10
C GLY A 512 -15.13 19.38 2.04
N LEU A 513 -16.30 19.01 1.51
CA LEU A 513 -16.37 17.92 0.55
C LEU A 513 -15.75 18.31 -0.79
N ALA A 514 -15.91 19.58 -1.18
CA ALA A 514 -15.35 20.02 -2.46
C ALA A 514 -13.84 19.94 -2.45
N ILE A 515 -13.20 20.35 -1.36
CA ILE A 515 -11.74 20.28 -1.26
C ILE A 515 -11.25 18.98 -0.64
N HIS A 516 -12.15 18.05 -0.36
CA HIS A 516 -11.78 16.83 0.35
C HIS A 516 -10.63 16.10 -0.35
N GLY A 517 -10.72 15.94 -1.66
CA GLY A 517 -9.73 15.19 -2.42
C GLY A 517 -8.68 16.04 -3.10
N ALA A 518 -8.38 17.22 -2.56
CA ALA A 518 -7.43 18.12 -3.22
C ALA A 518 -6.03 17.53 -3.31
N GLU A 519 -5.60 16.78 -2.32
CA GLU A 519 -4.22 16.29 -2.29
C GLU A 519 -3.96 15.10 -3.23
N ARG A 520 -4.98 14.30 -3.52
CA ARG A 520 -4.79 13.13 -4.37
C ARG A 520 -3.82 12.14 -3.72
N ILE A 521 -4.15 11.71 -2.51
CA ILE A 521 -3.22 10.86 -1.76
C ILE A 521 -3.36 9.40 -2.15
N VAL A 522 -4.57 8.94 -2.47
CA VAL A 522 -4.77 7.57 -2.95
C VAL A 522 -4.34 7.52 -4.40
N ARG A 523 -3.24 6.83 -4.68
CA ARG A 523 -2.57 6.92 -5.97
C ARG A 523 -2.50 5.56 -6.63
N GLY A 524 -2.76 5.53 -7.93
CA GLY A 524 -2.51 4.36 -8.75
C GLY A 524 -1.37 4.62 -9.71
N GLN A 525 -0.78 3.53 -10.20
CA GLN A 525 0.40 3.63 -11.05
C GLN A 525 0.09 4.49 -12.28
N THR A 526 1.02 5.38 -12.61
CA THR A 526 0.81 6.33 -13.69
C THR A 526 0.50 5.59 -14.99
N ALA A 527 -0.13 6.31 -15.92
CA ALA A 527 -0.50 5.70 -17.20
C ALA A 527 0.74 5.28 -17.99
N GLU A 528 1.74 6.15 -18.06
CA GLU A 528 2.95 5.84 -18.82
C GLU A 528 3.86 4.87 -18.08
N SER A 529 3.85 4.90 -16.75
CA SER A 529 4.74 4.02 -15.99
C SER A 529 4.43 2.55 -16.26
N LEU A 530 3.19 2.23 -16.62
CA LEU A 530 2.85 0.85 -16.92
C LEU A 530 3.53 0.36 -18.19
N ALA A 531 3.97 1.26 -19.06
CA ALA A 531 4.67 0.86 -20.27
C ALA A 531 6.11 0.46 -19.97
N VAL A 532 6.85 1.33 -19.31
CA VAL A 532 8.24 1.01 -18.95
C VAL A 532 8.28 -0.07 -17.88
N HIS A 533 7.35 -0.03 -16.93
CA HIS A 533 7.30 -0.99 -15.83
C HIS A 533 6.18 -1.98 -16.12
N ASN A 534 6.54 -3.26 -16.23
CA ASN A 534 5.61 -4.33 -16.55
C ASN A 534 5.29 -5.09 -15.27
N ILE A 535 4.00 -5.21 -14.95
CA ILE A 535 3.60 -5.71 -13.64
C ILE A 535 3.98 -7.18 -13.48
N THR A 536 3.64 -8.00 -14.47
CA THR A 536 3.89 -9.43 -14.36
C THR A 536 5.37 -9.77 -14.45
N VAL A 537 6.18 -8.90 -15.05
CA VAL A 537 7.61 -9.12 -15.13
C VAL A 537 8.36 -8.60 -13.91
N CYS A 538 7.76 -7.68 -13.16
CA CYS A 538 8.45 -7.00 -12.07
C CYS A 538 7.74 -7.08 -10.74
N GLU A 539 6.71 -7.93 -10.61
CA GLU A 539 5.98 -8.03 -9.35
C GLU A 539 6.91 -8.51 -8.22
N GLN A 540 7.66 -9.57 -8.48
CA GLN A 540 8.50 -10.19 -7.45
C GLN A 540 9.93 -9.71 -7.47
N LYS A 541 10.26 -8.70 -8.28
CA LYS A 541 11.55 -8.04 -8.25
C LYS A 541 11.52 -6.74 -7.46
N ILE A 542 10.76 -6.71 -6.36
CA ILE A 542 10.54 -5.47 -5.62
C ILE A 542 11.87 -4.85 -5.20
N SER A 543 12.83 -5.69 -4.79
CA SER A 543 14.07 -5.15 -4.27
C SER A 543 14.96 -4.56 -5.36
N GLU A 544 14.82 -5.03 -6.59
CA GLU A 544 15.71 -4.65 -7.67
C GLU A 544 15.22 -3.44 -8.46
N TRP A 545 14.10 -2.84 -8.08
CA TRP A 545 13.57 -1.71 -8.85
C TRP A 545 14.58 -0.58 -8.92
N GLY A 546 14.71 0.01 -10.10
CA GLY A 546 15.58 1.14 -10.31
C GLY A 546 17.00 0.80 -10.69
N LYS A 547 17.38 -0.48 -10.69
CA LYS A 547 18.72 -0.89 -11.06
C LYS A 547 18.73 -2.12 -11.96
N ILE A 548 17.62 -2.42 -12.62
CA ILE A 548 17.58 -3.40 -13.71
C ILE A 548 16.68 -2.83 -14.79
N LYS A 549 17.07 -3.06 -16.06
CA LYS A 549 16.40 -2.36 -17.16
C LYS A 549 14.92 -2.69 -17.21
N GLU A 550 14.57 -3.96 -17.08
CA GLU A 550 13.18 -4.38 -17.27
C GLU A 550 12.24 -3.85 -16.19
N CYS A 551 12.76 -3.34 -15.08
CA CYS A 551 11.95 -2.95 -13.93
C CYS A 551 12.35 -1.57 -13.44
N PRO A 552 12.07 -0.53 -14.22
CA PRO A 552 12.24 0.83 -13.69
C PRO A 552 11.30 1.06 -12.52
N ILE A 553 11.75 1.87 -11.57
CA ILE A 553 10.99 2.11 -10.35
C ILE A 553 9.67 2.76 -10.74
N PRO A 554 8.53 2.26 -10.26
CA PRO A 554 7.25 2.79 -10.74
C PRO A 554 6.97 4.19 -10.21
N GLN A 555 6.17 4.93 -10.97
CA GLN A 555 5.73 6.26 -10.58
C GLN A 555 4.21 6.25 -10.45
N PHE A 556 3.72 6.72 -9.31
CA PHE A 556 2.30 6.71 -9.00
C PHE A 556 1.74 8.13 -9.02
N ALA A 557 0.48 8.24 -9.42
CA ALA A 557 -0.21 9.52 -9.44
C ALA A 557 -1.68 9.30 -9.13
N GLY A 558 -2.29 10.25 -8.42
CA GLY A 558 -3.67 10.14 -8.00
C GLY A 558 -4.63 10.87 -8.92
N ASN A 559 -5.91 10.52 -8.79
CA ASN A 559 -6.94 11.15 -9.60
C ASN A 559 -7.15 12.60 -9.14
N PRO A 560 -7.54 13.49 -10.04
CA PRO A 560 -7.89 14.85 -9.64
C PRO A 560 -9.20 14.88 -8.88
N PRO A 561 -9.48 15.94 -8.13
CA PRO A 561 -10.75 16.01 -7.39
C PRO A 561 -11.93 16.07 -8.34
N MET A 562 -12.88 15.14 -8.15
CA MET A 562 -14.06 15.04 -9.00
C MET A 562 -15.34 15.44 -8.31
N THR A 563 -15.40 15.37 -6.97
CA THR A 563 -16.66 15.60 -6.28
C THR A 563 -17.16 17.03 -6.46
N TRP A 564 -16.26 17.98 -6.69
CA TRP A 564 -16.70 19.35 -6.90
C TRP A 564 -17.56 19.45 -8.16
N LYS A 565 -17.23 18.66 -9.19
CA LYS A 565 -18.04 18.67 -10.40
C LYS A 565 -19.48 18.25 -10.09
N TRP A 566 -19.64 17.20 -9.28
CA TRP A 566 -20.98 16.72 -8.96
C TRP A 566 -21.71 17.71 -8.05
N ILE A 567 -20.99 18.37 -7.15
CA ILE A 567 -21.67 19.13 -6.10
C ILE A 567 -21.92 20.57 -6.53
N VAL A 568 -21.18 21.09 -7.51
CA VAL A 568 -21.27 22.51 -7.83
C VAL A 568 -22.64 22.87 -8.38
N GLY A 569 -23.22 21.99 -9.20
CA GLY A 569 -24.51 22.24 -9.78
C GLY A 569 -25.56 22.50 -8.72
N PRO A 570 -25.82 21.50 -7.88
CA PRO A 570 -26.79 21.69 -6.79
C PRO A 570 -26.48 22.87 -5.89
N MET A 571 -25.22 23.14 -5.57
CA MET A 571 -24.92 24.30 -4.75
C MET A 571 -25.36 25.58 -5.44
N PHE A 572 -25.06 25.71 -6.74
CA PHE A 572 -25.45 26.92 -7.46
C PHE A 572 -26.97 27.05 -7.52
N LEU A 573 -27.67 25.94 -7.78
CA LEU A 573 -29.13 26.00 -7.84
C LEU A 573 -29.71 26.41 -6.50
N TYR A 574 -29.19 25.85 -5.41
CA TYR A 574 -29.70 26.20 -4.09
C TYR A 574 -29.40 27.64 -3.74
N LEU A 575 -28.21 28.13 -4.12
CA LEU A 575 -27.88 29.53 -3.87
C LEU A 575 -28.80 30.46 -4.63
N CYS A 576 -29.11 30.12 -5.90
CA CYS A 576 -30.05 30.91 -6.67
C CYS A 576 -31.43 30.87 -6.02
N GLU A 577 -31.85 29.70 -5.54
CA GLU A 577 -33.14 29.58 -4.88
C GLU A 577 -33.20 30.47 -3.64
N ARG A 578 -32.14 30.45 -2.83
CA ARG A 578 -32.12 31.29 -1.63
C ARG A 578 -32.15 32.77 -2.00
N LEU A 579 -31.38 33.17 -3.02
CA LEU A 579 -31.44 34.55 -3.48
C LEU A 579 -32.84 34.92 -3.91
N VAL A 580 -33.56 33.99 -4.56
CA VAL A 580 -34.96 34.23 -4.87
C VAL A 580 -35.75 34.45 -3.59
N ARG A 581 -35.47 33.66 -2.57
CA ARG A 581 -36.12 33.83 -1.26
C ARG A 581 -35.55 35.06 -0.55
N ILE B 4 -37.36 25.85 24.50
CA ILE B 4 -36.30 25.04 23.92
C ILE B 4 -35.77 24.06 24.94
N GLU B 5 -35.66 22.80 24.55
CA GLU B 5 -35.27 21.70 25.42
C GLU B 5 -34.06 21.01 24.78
N TRP B 6 -32.87 21.31 25.30
CA TRP B 6 -31.65 20.77 24.73
C TRP B 6 -31.45 19.31 25.05
N ALA B 7 -32.11 18.79 26.08
CA ALA B 7 -31.97 17.37 26.41
C ALA B 7 -32.54 16.49 25.29
N MET B 8 -33.56 16.96 24.59
CA MET B 8 -34.15 16.16 23.52
C MET B 8 -33.12 15.91 22.42
N TRP B 9 -32.34 16.93 22.06
CA TRP B 9 -31.28 16.74 21.08
C TRP B 9 -30.07 16.02 21.66
N ALA B 10 -29.77 16.26 22.94
CA ALA B 10 -28.63 15.60 23.56
C ALA B 10 -28.82 14.10 23.61
N ASN B 11 -30.06 13.65 23.86
CA ASN B 11 -30.32 12.22 23.91
C ASN B 11 -30.00 11.56 22.57
N GLU B 12 -30.48 12.16 21.48
CA GLU B 12 -30.23 11.58 20.16
C GLU B 12 -28.74 11.67 19.81
N GLN B 13 -28.08 12.78 20.16
CA GLN B 13 -26.66 12.89 19.89
C GLN B 13 -25.87 11.83 20.63
N ALA B 14 -26.22 11.57 21.90
CA ALA B 14 -25.53 10.54 22.66
C ALA B 14 -25.82 9.14 22.11
N LEU B 15 -27.05 8.90 21.65
CA LEU B 15 -27.35 7.61 21.04
C LEU B 15 -26.55 7.41 19.76
N ALA B 16 -26.46 8.45 18.94
CA ALA B 16 -25.65 8.37 17.72
C ALA B 16 -24.18 8.15 18.07
N SER B 17 -23.69 8.83 19.10
CA SER B 17 -22.32 8.64 19.53
C SER B 17 -22.09 7.21 20.00
N GLY B 18 -23.06 6.64 20.70
CA GLY B 18 -22.94 5.25 21.12
C GLY B 18 -22.88 4.30 19.94
N LEU B 19 -23.74 4.52 18.94
CA LEU B 19 -23.70 3.68 17.75
C LEU B 19 -22.36 3.81 17.03
N ILE B 20 -21.84 5.03 16.92
CA ILE B 20 -20.56 5.24 16.25
C ILE B 20 -19.44 4.57 17.03
N LEU B 21 -19.48 4.67 18.35
CA LEU B 21 -18.46 4.03 19.17
C LEU B 21 -18.51 2.52 19.00
N ILE B 22 -19.71 1.95 18.97
CA ILE B 22 -19.83 0.50 18.76
C ILE B 22 -19.25 0.12 17.41
N THR B 23 -19.58 0.88 16.37
CA THR B 23 -19.08 0.56 15.03
C THR B 23 -17.55 0.65 14.98
N GLY B 24 -16.99 1.71 15.55
CA GLY B 24 -15.55 1.86 15.53
C GLY B 24 -14.84 0.78 16.32
N GLY B 25 -15.38 0.42 17.49
CA GLY B 25 -14.79 -0.65 18.27
C GLY B 25 -14.90 -1.99 17.59
N ILE B 26 -16.01 -2.25 16.91
CA ILE B 26 -16.15 -3.48 16.15
C ILE B 26 -15.12 -3.54 15.04
N VAL B 27 -14.91 -2.41 14.36
CA VAL B 27 -13.89 -2.35 13.31
C VAL B 27 -12.51 -2.61 13.88
N ALA B 28 -12.22 -2.00 15.03
CA ALA B 28 -10.90 -2.15 15.64
C ALA B 28 -10.65 -3.60 16.07
N THR B 29 -11.60 -4.20 16.78
CA THR B 29 -11.41 -5.56 17.26
C THR B 29 -11.40 -6.56 16.11
N ALA B 30 -12.39 -6.47 15.22
CA ALA B 30 -12.46 -7.41 14.09
C ALA B 30 -11.24 -7.27 13.19
N GLY B 31 -10.82 -6.03 12.93
CA GLY B 31 -9.63 -5.80 12.12
C GLY B 31 -8.33 -5.96 12.86
N ARG B 32 -8.39 -6.27 14.16
CA ARG B 32 -7.19 -6.49 14.97
C ARG B 32 -6.24 -5.29 14.88
N PHE B 33 -6.80 -4.09 15.01
CA PHE B 33 -5.99 -2.89 14.98
C PHE B 33 -5.06 -2.86 16.18
N THR B 34 -3.92 -2.18 16.01
CA THR B 34 -2.98 -2.04 17.11
C THR B 34 -3.67 -1.39 18.30
N GLN B 35 -3.48 -1.98 19.48
CA GLN B 35 -4.20 -1.56 20.69
C GLN B 35 -5.71 -1.76 20.51
N TRP B 36 -6.08 -2.98 20.09
CA TRP B 36 -7.49 -3.28 19.88
C TRP B 36 -8.29 -3.19 21.18
N TYR B 37 -7.62 -3.35 22.33
CA TYR B 37 -8.34 -3.34 23.60
C TYR B 37 -9.08 -2.02 23.79
N PHE B 38 -8.54 -0.92 23.25
CA PHE B 38 -9.30 0.32 23.24
C PHE B 38 -10.55 0.19 22.39
N GLY B 39 -10.47 -0.57 21.29
CA GLY B 39 -11.67 -0.85 20.51
C GLY B 39 -12.70 -1.64 21.30
N ALA B 40 -12.25 -2.64 22.07
CA ALA B 40 -13.17 -3.41 22.88
C ALA B 40 -13.83 -2.53 23.95
N TYR B 41 -13.04 -1.68 24.60
CA TYR B 41 -13.61 -0.77 25.57
C TYR B 41 -14.59 0.19 24.91
N SER B 42 -14.30 0.61 23.67
CA SER B 42 -15.23 1.46 22.94
C SER B 42 -16.53 0.73 22.66
N ILE B 43 -16.46 -0.56 22.31
CA ILE B 43 -17.67 -1.35 22.14
C ILE B 43 -18.49 -1.32 23.42
N VAL B 44 -17.83 -1.58 24.55
CA VAL B 44 -18.56 -1.65 25.82
C VAL B 44 -19.17 -0.29 26.15
N ALA B 45 -18.39 0.78 25.99
CA ALA B 45 -18.88 2.11 26.31
C ALA B 45 -20.04 2.52 25.41
N GLY B 46 -19.94 2.21 24.11
CA GLY B 46 -21.04 2.52 23.22
C GLY B 46 -22.30 1.75 23.54
N VAL B 47 -22.15 0.48 23.90
CA VAL B 47 -23.31 -0.31 24.32
C VAL B 47 -23.95 0.31 25.55
N PHE B 48 -23.12 0.69 26.53
CA PHE B 48 -23.65 1.30 27.74
C PHE B 48 -24.36 2.61 27.44
N VAL B 49 -23.78 3.43 26.56
CA VAL B 49 -24.41 4.70 26.22
C VAL B 49 -25.73 4.48 25.50
N CYS B 50 -25.78 3.50 24.59
CA CYS B 50 -27.04 3.20 23.92
C CYS B 50 -28.09 2.75 24.92
N LEU B 51 -27.70 1.89 25.86
CA LEU B 51 -28.65 1.41 26.87
C LEU B 51 -29.14 2.55 27.75
N LEU B 52 -28.26 3.47 28.12
CA LEU B 52 -28.63 4.58 28.98
C LEU B 52 -29.48 5.62 28.25
N GLU B 53 -29.27 5.78 26.95
CA GLU B 53 -29.91 6.85 26.19
C GLU B 53 -31.15 6.40 25.42
N TYR B 54 -31.31 5.11 25.15
CA TYR B 54 -32.49 4.67 24.42
C TYR B 54 -33.78 5.15 25.05
N PRO B 55 -33.97 5.09 26.37
CA PRO B 55 -35.20 5.62 26.96
C PRO B 55 -35.24 7.14 26.96
N ARG B 56 -36.07 7.72 26.10
CA ARG B 56 -36.21 9.17 26.05
C ARG B 56 -36.92 9.66 27.30
N GLY B 57 -36.72 10.94 27.61
CA GLY B 57 -37.33 11.56 28.76
C GLY B 57 -38.72 12.06 28.45
N LYS B 58 -39.15 13.06 29.23
CA LYS B 58 -40.46 13.69 29.05
C LYS B 58 -40.29 15.19 28.87
N ARG B 59 -41.04 15.75 27.92
CA ARG B 59 -41.04 17.18 27.71
C ARG B 59 -41.77 17.89 28.85
N LYS B 60 -41.22 19.03 29.27
CA LYS B 60 -41.88 19.84 30.29
C LYS B 60 -43.25 20.31 29.79
N LYS B 61 -43.32 20.76 28.55
CA LYS B 61 -44.56 21.21 27.93
C LYS B 61 -44.88 20.32 26.74
N GLY B 62 -46.11 19.83 26.67
CA GLY B 62 -46.52 18.96 25.59
C GLY B 62 -46.15 17.51 25.85
N SER B 63 -46.46 16.68 24.85
CA SER B 63 -46.24 15.24 24.93
C SER B 63 -44.96 14.85 24.17
N THR B 64 -44.55 13.61 24.35
CA THR B 64 -43.39 13.05 23.69
C THR B 64 -43.78 11.77 22.95
N MET B 65 -42.92 11.35 22.04
CA MET B 65 -43.11 10.11 21.29
C MET B 65 -42.12 9.07 21.80
N GLU B 66 -42.64 7.90 22.15
CA GLU B 66 -41.81 6.85 22.73
C GLU B 66 -40.93 6.22 21.66
N ARG B 67 -39.80 5.67 22.10
CA ARG B 67 -38.95 4.86 21.24
C ARG B 67 -39.43 3.41 21.27
N TRP B 68 -39.23 2.73 20.15
CA TRP B 68 -39.68 1.34 20.02
C TRP B 68 -39.18 0.51 21.19
N GLY B 69 -40.11 0.01 21.99
CA GLY B 69 -39.75 -0.78 23.16
C GLY B 69 -38.99 0.00 24.22
N GLN B 70 -39.34 1.28 24.41
CA GLN B 70 -38.65 2.12 25.38
C GLN B 70 -39.07 1.84 26.81
N LYS B 71 -40.22 1.21 27.03
CA LYS B 71 -40.74 1.05 28.37
C LYS B 71 -39.79 0.26 29.26
N TYR B 72 -39.26 -0.85 28.74
CA TYR B 72 -38.41 -1.70 29.56
C TYR B 72 -37.14 -0.97 29.98
N MET B 73 -36.48 -0.31 29.04
CA MET B 73 -35.22 0.36 29.35
C MET B 73 -35.44 1.57 30.24
N THR B 74 -36.54 2.32 30.03
CA THR B 74 -36.79 3.46 30.90
C THR B 74 -37.12 3.00 32.32
N ALA B 75 -37.86 1.90 32.45
CA ALA B 75 -38.11 1.34 33.78
C ALA B 75 -36.81 0.91 34.44
N VAL B 76 -35.91 0.30 33.67
CA VAL B 76 -34.61 -0.10 34.22
C VAL B 76 -33.84 1.12 34.70
N VAL B 77 -33.82 2.18 33.88
CA VAL B 77 -33.07 3.38 34.24
C VAL B 77 -33.67 4.05 35.46
N LYS B 78 -35.00 4.01 35.61
CA LYS B 78 -35.64 4.62 36.77
C LYS B 78 -35.06 4.09 38.07
N LEU B 79 -34.66 2.81 38.09
CA LEU B 79 -34.21 2.18 39.33
C LEU B 79 -32.91 2.78 39.87
N PHE B 80 -32.18 3.57 39.09
CA PHE B 80 -30.89 4.09 39.50
C PHE B 80 -30.98 5.43 40.21
N GLY B 81 -32.18 5.95 40.45
CA GLY B 81 -32.35 7.14 41.24
C GLY B 81 -31.79 8.39 40.56
N PRO B 82 -31.25 9.31 41.36
CA PRO B 82 -30.82 10.60 40.78
C PRO B 82 -29.53 10.53 39.99
N PHE B 83 -28.81 9.39 40.01
CA PHE B 83 -27.62 9.27 39.18
C PHE B 83 -27.94 9.39 37.70
N THR B 84 -29.18 9.10 37.31
CA THR B 84 -29.60 9.18 35.92
C THR B 84 -30.48 10.39 35.64
N ARG B 85 -31.33 10.78 36.59
CA ARG B 85 -32.18 11.95 36.38
C ARG B 85 -31.35 13.20 36.18
N ASN B 86 -30.31 13.38 36.99
CA ASN B 86 -29.45 14.55 36.86
C ASN B 86 -28.73 14.53 35.52
N TYR B 87 -28.52 15.72 34.95
CA TYR B 87 -27.82 15.86 33.68
C TYR B 87 -26.39 16.32 33.82
N TYR B 88 -26.01 16.96 34.93
CA TYR B 88 -24.60 17.20 35.18
C TYR B 88 -23.85 15.88 35.28
N VAL B 89 -24.42 14.92 36.00
CA VAL B 89 -23.82 13.59 36.11
C VAL B 89 -23.73 12.95 34.73
N ARG B 90 -24.80 13.07 33.93
CA ARG B 90 -24.80 12.46 32.61
C ARG B 90 -23.72 13.07 31.72
N ALA B 91 -23.58 14.40 31.75
CA ALA B 91 -22.57 15.06 30.93
C ALA B 91 -21.17 14.65 31.36
N VAL B 92 -20.91 14.62 32.66
CA VAL B 92 -19.59 14.23 33.16
C VAL B 92 -19.31 12.78 32.77
N LEU B 93 -20.31 11.90 32.90
CA LEU B 93 -20.13 10.50 32.55
C LEU B 93 -19.82 10.35 31.07
N HIS B 94 -20.52 11.09 30.22
CA HIS B 94 -20.25 11.01 28.79
C HIS B 94 -18.84 11.48 28.46
N LEU B 95 -18.41 12.59 29.07
CA LEU B 95 -17.06 13.07 28.82
C LEU B 95 -16.03 12.02 29.25
N LEU B 96 -16.23 11.44 30.44
CA LEU B 96 -15.25 10.49 30.96
C LEU B 96 -15.26 9.18 30.16
N LEU B 97 -16.39 8.80 29.59
CA LEU B 97 -16.44 7.61 28.75
C LEU B 97 -15.87 7.89 27.36
N SER B 98 -15.96 9.13 26.88
CA SER B 98 -15.43 9.48 25.57
C SER B 98 -13.91 9.61 25.60
N VAL B 99 -13.35 10.15 26.69
CA VAL B 99 -11.92 10.40 26.76
C VAL B 99 -11.13 9.14 26.42
N PRO B 100 -11.27 8.05 27.17
CA PRO B 100 -10.43 6.87 26.89
C PRO B 100 -10.64 6.28 25.51
N ALA B 101 -11.80 6.49 24.90
CA ALA B 101 -12.06 5.93 23.57
C ALA B 101 -11.39 6.72 22.47
N GLY B 102 -10.78 7.86 22.78
CA GLY B 102 -10.15 8.71 21.79
C GLY B 102 -8.70 8.41 21.49
N PHE B 103 -8.14 7.33 22.05
CA PHE B 103 -6.76 6.98 21.77
C PHE B 103 -6.60 6.11 20.53
N LEU B 104 -7.69 5.78 19.85
CA LEU B 104 -7.66 4.90 18.69
C LEU B 104 -8.44 5.57 17.57
N LEU B 105 -7.89 5.55 16.35
CA LEU B 105 -8.44 6.36 15.27
C LEU B 105 -9.89 5.96 14.98
N ALA B 106 -10.17 4.65 14.92
CA ALA B 106 -11.51 4.20 14.57
C ALA B 106 -12.56 4.80 15.50
N THR B 107 -12.19 5.03 16.77
CA THR B 107 -13.13 5.49 17.78
C THR B 107 -12.99 6.99 18.08
N ILE B 108 -12.13 7.71 17.38
CA ILE B 108 -11.99 9.14 17.64
C ILE B 108 -13.26 9.87 17.25
N LEU B 109 -13.91 9.45 16.16
CA LEU B 109 -15.15 10.08 15.76
C LEU B 109 -16.23 9.87 16.82
N GLY B 110 -16.32 8.65 17.35
CA GLY B 110 -17.25 8.39 18.44
C GLY B 110 -16.95 9.22 19.67
N THR B 111 -15.66 9.37 19.99
CA THR B 111 -15.28 10.20 21.13
C THR B 111 -15.72 11.65 20.93
N ALA B 112 -15.50 12.19 19.74
CA ALA B 112 -15.91 13.57 19.46
C ALA B 112 -17.41 13.72 19.56
N CYS B 113 -18.16 12.77 18.98
CA CYS B 113 -19.62 12.85 19.05
C CYS B 113 -20.12 12.77 20.48
N LEU B 114 -19.53 11.89 21.28
CA LEU B 114 -19.93 11.77 22.68
C LEU B 114 -19.57 13.02 23.47
N ALA B 115 -18.43 13.64 23.16
CA ALA B 115 -18.08 14.89 23.82
C ALA B 115 -19.07 16.00 23.48
N ILE B 116 -19.50 16.06 22.22
CA ILE B 116 -20.51 17.05 21.84
C ILE B 116 -21.82 16.77 22.58
N ALA B 117 -22.20 15.51 22.68
CA ALA B 117 -23.40 15.16 23.44
C ALA B 117 -23.27 15.60 24.90
N SER B 118 -22.11 15.38 25.50
CA SER B 118 -21.89 15.80 26.88
C SER B 118 -22.00 17.32 27.02
N GLY B 119 -21.45 18.05 26.05
CA GLY B 119 -21.59 19.49 26.07
C GLY B 119 -23.03 19.93 26.01
N ILE B 120 -23.83 19.28 25.16
CA ILE B 120 -25.24 19.64 25.06
C ILE B 120 -25.97 19.30 26.35
N TYR B 121 -25.64 18.16 26.97
CA TYR B 121 -26.22 17.85 28.28
C TYR B 121 -25.85 18.88 29.34
N LEU B 122 -24.60 19.33 29.34
CA LEU B 122 -24.21 20.35 30.31
C LEU B 122 -25.00 21.63 30.07
N LEU B 123 -25.18 22.01 28.81
CA LEU B 123 -25.98 23.19 28.51
C LEU B 123 -27.41 23.01 28.99
N ALA B 124 -28.00 21.83 28.78
CA ALA B 124 -29.35 21.57 29.25
C ALA B 124 -29.44 21.63 30.77
N ALA B 125 -28.46 21.02 31.45
CA ALA B 125 -28.48 20.99 32.91
C ALA B 125 -28.36 22.39 33.48
N VAL B 126 -27.54 23.25 32.85
CA VAL B 126 -27.44 24.62 33.32
C VAL B 126 -28.80 25.28 33.34
N ARG B 127 -29.62 25.02 32.31
CA ARG B 127 -30.98 25.53 32.28
C ARG B 127 -31.87 24.90 33.35
N GLY B 128 -31.44 23.83 33.99
CA GLY B 128 -32.19 23.20 35.04
C GLY B 128 -33.01 21.99 34.65
N GLU B 129 -32.78 21.42 33.47
CA GLU B 129 -33.56 20.28 33.01
C GLU B 129 -33.09 19.00 33.69
N GLN B 130 -33.95 17.98 33.64
CA GLN B 130 -33.64 16.66 34.17
C GLN B 130 -34.47 15.63 33.44
N TRP B 131 -34.05 14.37 33.57
CA TRP B 131 -34.69 13.25 32.87
C TRP B 131 -35.79 12.67 33.75
N THR B 132 -37.05 12.95 33.39
CA THR B 132 -38.20 12.40 34.10
C THR B 132 -38.79 11.26 33.30
N PRO B 133 -38.86 10.04 33.83
CA PRO B 133 -39.35 8.92 33.02
C PRO B 133 -40.79 9.12 32.58
N ILE B 134 -41.11 8.58 31.41
CA ILE B 134 -42.46 8.66 30.85
C ILE B 134 -43.24 7.43 31.25
N GLU B 135 -44.46 7.63 31.75
CA GLU B 135 -45.31 6.53 32.18
C GLU B 135 -46.63 6.53 31.42
N SER C 2 25.66 -24.95 -1.52
CA SER C 2 26.53 -25.24 -2.65
C SER C 2 25.73 -25.76 -3.83
N LEU C 3 26.35 -25.77 -5.01
CA LEU C 3 25.72 -26.23 -6.23
C LEU C 3 26.65 -27.20 -6.95
N GLU C 4 26.06 -28.13 -7.70
CA GLU C 4 26.82 -29.08 -8.51
C GLU C 4 26.04 -29.35 -9.78
N GLU C 5 26.75 -29.35 -10.91
CA GLU C 5 26.14 -29.57 -12.22
C GLU C 5 26.33 -31.02 -12.63
N SER C 6 25.23 -31.73 -12.82
CA SER C 6 25.28 -33.09 -13.35
C SER C 6 25.47 -33.01 -14.86
N GLY C 7 25.36 -34.16 -15.53
CA GLY C 7 25.50 -34.17 -16.96
C GLY C 7 26.92 -33.77 -17.38
N GLY C 8 27.07 -33.61 -18.68
CA GLY C 8 28.36 -33.22 -19.24
C GLY C 8 29.15 -34.42 -19.71
N ASP C 9 29.19 -34.63 -21.03
CA ASP C 9 29.88 -35.78 -21.59
C ASP C 9 30.18 -35.48 -23.05
N LEU C 10 31.11 -36.24 -23.62
CA LEU C 10 31.43 -36.10 -25.03
C LEU C 10 30.16 -36.29 -25.85
N VAL C 11 29.93 -35.40 -26.80
CA VAL C 11 28.70 -35.39 -27.58
C VAL C 11 29.05 -35.13 -29.05
N LYS C 12 28.42 -35.88 -29.94
CA LYS C 12 28.62 -35.65 -31.36
C LYS C 12 27.99 -34.31 -31.76
N PRO C 13 28.57 -33.62 -32.74
CA PRO C 13 28.04 -32.31 -33.11
C PRO C 13 26.59 -32.40 -33.55
N GLY C 14 25.81 -31.38 -33.20
CA GLY C 14 24.42 -31.30 -33.60
C GLY C 14 23.46 -32.02 -32.69
N ALA C 15 23.94 -32.74 -31.68
CA ALA C 15 23.08 -33.46 -30.76
C ALA C 15 22.62 -32.51 -29.65
N SER C 16 22.02 -33.06 -28.60
CA SER C 16 21.51 -32.28 -27.49
C SER C 16 22.02 -32.85 -26.17
N LEU C 17 22.14 -31.96 -25.18
CA LEU C 17 22.59 -32.36 -23.85
C LEU C 17 21.90 -31.48 -22.82
N THR C 18 21.75 -32.01 -21.61
CA THR C 18 21.11 -31.29 -20.51
C THR C 18 21.98 -31.37 -19.28
N LEU C 19 22.27 -30.21 -18.68
CA LEU C 19 23.04 -30.12 -17.44
C LEU C 19 22.08 -29.81 -16.30
N THR C 20 22.13 -30.63 -15.25
CA THR C 20 21.24 -30.50 -14.11
C THR C 20 22.04 -29.96 -12.93
N CYS C 21 21.58 -28.84 -12.37
CA CYS C 21 22.27 -28.15 -11.28
C CYS C 21 21.48 -28.37 -9.99
N THR C 22 21.93 -29.31 -9.17
CA THR C 22 21.25 -29.66 -7.93
C THR C 22 21.96 -29.00 -6.76
N ALA C 23 21.19 -28.28 -5.95
CA ALA C 23 21.73 -27.60 -4.77
C ALA C 23 21.72 -28.54 -3.57
N SER C 24 22.52 -28.16 -2.56
CA SER C 24 22.58 -28.90 -1.30
C SER C 24 22.65 -27.87 -0.17
N GLY C 25 21.50 -27.56 0.41
CA GLY C 25 21.39 -26.53 1.42
C GLY C 25 20.83 -25.21 0.91
N ILE C 26 20.55 -25.10 -0.38
CA ILE C 26 19.99 -23.90 -0.97
C ILE C 26 18.71 -24.29 -1.71
N ASP C 27 17.65 -23.51 -1.51
CA ASP C 27 16.37 -23.74 -2.17
C ASP C 27 16.13 -22.65 -3.21
N PHE C 28 15.73 -23.06 -4.41
CA PHE C 28 15.45 -22.13 -5.50
C PHE C 28 13.99 -21.68 -5.46
N SER C 29 13.63 -21.01 -4.36
CA SER C 29 12.27 -20.50 -4.21
C SER C 29 12.22 -19.07 -3.68
N GLY C 30 13.36 -18.44 -3.40
CA GLY C 30 13.38 -17.06 -2.95
C GLY C 30 13.13 -16.10 -4.08
N TYR C 31 13.78 -14.94 -4.02
CA TYR C 31 13.71 -13.93 -5.05
C TYR C 31 15.02 -13.76 -5.80
N HIS C 32 15.96 -14.70 -5.63
CA HIS C 32 17.21 -14.66 -6.35
C HIS C 32 17.09 -15.41 -7.67
N TYR C 33 17.95 -15.05 -8.62
CA TYR C 33 18.00 -15.70 -9.91
C TYR C 33 18.86 -16.95 -9.80
N MET C 34 19.02 -17.65 -10.94
CA MET C 34 19.88 -18.84 -11.00
C MET C 34 20.47 -18.88 -12.40
N CYS C 35 21.67 -18.33 -12.55
CA CYS C 35 22.28 -18.10 -13.85
C CYS C 35 23.22 -19.24 -14.22
N TRP C 36 23.43 -19.40 -15.52
CA TRP C 36 24.38 -20.37 -16.07
C TRP C 36 25.48 -19.61 -16.79
N VAL C 37 26.73 -19.93 -16.47
CA VAL C 37 27.89 -19.25 -17.01
C VAL C 37 28.87 -20.32 -17.51
N ARG C 38 29.39 -20.12 -18.72
CA ARG C 38 30.30 -21.06 -19.34
C ARG C 38 31.63 -20.39 -19.65
N GLN C 39 32.70 -21.18 -19.64
CA GLN C 39 34.05 -20.66 -19.85
C GLN C 39 34.81 -21.63 -20.74
N ALA C 40 35.04 -21.26 -21.99
CA ALA C 40 35.81 -22.11 -22.87
C ALA C 40 37.25 -22.20 -22.37
N PRO C 41 37.93 -23.33 -22.62
CA PRO C 41 39.30 -23.49 -22.11
C PRO C 41 40.20 -22.30 -22.44
N GLY C 42 40.67 -21.60 -21.40
CA GLY C 42 41.58 -20.50 -21.60
C GLY C 42 40.93 -19.19 -22.00
N LYS C 43 39.60 -19.12 -22.00
CA LYS C 43 38.88 -17.92 -22.38
C LYS C 43 38.17 -17.32 -21.16
N GLY C 44 37.59 -16.14 -21.36
CA GLY C 44 36.85 -15.49 -20.30
C GLY C 44 35.46 -16.07 -20.13
N LEU C 45 34.82 -15.71 -19.03
CA LEU C 45 33.49 -16.21 -18.74
C LEU C 45 32.49 -15.73 -19.79
N GLU C 46 31.57 -16.61 -20.15
CA GLU C 46 30.49 -16.28 -21.07
C GLU C 46 29.16 -16.54 -20.36
N TRP C 47 28.29 -15.54 -20.36
CA TRP C 47 27.00 -15.63 -19.70
C TRP C 47 25.98 -16.26 -20.64
N ILE C 48 25.28 -17.28 -20.16
CA ILE C 48 24.30 -17.99 -20.97
C ILE C 48 22.90 -17.44 -20.69
N GLY C 49 22.43 -17.55 -19.46
CA GLY C 49 21.10 -17.07 -19.13
C GLY C 49 20.82 -17.23 -17.65
N CYS C 50 19.72 -16.61 -17.22
CA CYS C 50 19.30 -16.62 -15.83
C CYS C 50 17.83 -16.99 -15.75
N THR C 51 17.41 -17.38 -14.55
CA THR C 51 16.04 -17.83 -14.31
C THR C 51 15.61 -17.39 -12.92
N HIS C 52 14.75 -16.39 -12.83
CA HIS C 52 14.28 -15.93 -11.54
C HIS C 52 13.59 -17.07 -10.80
N SER C 53 13.83 -17.15 -9.50
CA SER C 53 13.27 -18.25 -8.72
C SER C 53 11.76 -18.12 -8.56
N GLY C 54 11.27 -16.89 -8.36
CA GLY C 54 9.85 -16.70 -8.11
C GLY C 54 9.02 -16.42 -9.34
N ASP C 55 9.38 -15.40 -10.12
CA ASP C 55 8.60 -15.04 -11.30
C ASP C 55 8.58 -16.16 -12.32
N GLY C 56 9.72 -16.80 -12.52
CA GLY C 56 9.89 -17.76 -13.59
C GLY C 56 10.39 -17.17 -14.89
N THR C 57 10.52 -15.85 -14.97
CA THR C 57 11.05 -15.22 -16.18
C THR C 57 12.49 -15.67 -16.40
N THR C 58 12.80 -16.02 -17.65
CA THR C 58 14.10 -16.52 -18.02
C THR C 58 14.72 -15.62 -19.07
N TYR C 59 16.00 -15.28 -18.88
CA TYR C 59 16.75 -14.46 -19.82
C TYR C 59 17.91 -15.26 -20.37
N TYR C 60 18.27 -14.99 -21.62
CA TYR C 60 19.40 -15.63 -22.27
C TYR C 60 20.23 -14.59 -23.00
N ALA C 61 21.50 -14.91 -23.19
CA ALA C 61 22.35 -14.09 -24.05
C ALA C 61 21.87 -14.17 -25.49
N ARG C 62 22.11 -13.10 -26.24
CA ARG C 62 21.55 -13.01 -27.59
C ARG C 62 21.91 -14.23 -28.43
N TRP C 63 23.12 -14.78 -28.25
CA TRP C 63 23.51 -15.95 -29.03
C TRP C 63 22.85 -17.22 -28.55
N ALA C 64 22.43 -17.28 -27.28
CA ALA C 64 21.85 -18.49 -26.71
C ALA C 64 20.33 -18.44 -26.59
N LYS C 65 19.68 -17.40 -27.12
CA LYS C 65 18.25 -17.25 -26.91
C LYS C 65 17.47 -18.38 -27.58
N GLY C 66 17.84 -18.74 -28.80
CA GLY C 66 17.04 -19.65 -29.59
C GLY C 66 17.28 -21.12 -29.35
N ARG C 67 18.34 -21.50 -28.63
CA ARG C 67 18.69 -22.91 -28.52
C ARG C 67 19.13 -23.33 -27.12
N PHE C 68 19.01 -22.47 -26.11
CA PHE C 68 19.29 -22.84 -24.73
C PHE C 68 18.03 -22.61 -23.90
N THR C 69 17.65 -23.62 -23.13
CA THR C 69 16.44 -23.58 -22.31
C THR C 69 16.83 -23.81 -20.85
N ILE C 70 16.56 -22.82 -20.01
CA ILE C 70 16.82 -22.90 -18.57
C ILE C 70 15.49 -22.95 -17.86
N SER C 71 15.27 -24.01 -17.08
CA SER C 71 14.02 -24.20 -16.37
C SER C 71 14.31 -24.70 -14.97
N LYS C 72 13.57 -24.20 -13.99
CA LYS C 72 13.71 -24.63 -12.60
C LYS C 72 12.79 -25.82 -12.40
N THR C 73 13.32 -27.03 -12.61
CA THR C 73 12.50 -28.23 -12.57
C THR C 73 11.90 -28.43 -11.19
N SER C 74 12.70 -28.27 -10.14
CA SER C 74 12.24 -28.47 -8.76
C SER C 74 12.82 -27.38 -7.88
N SER C 75 12.54 -27.49 -6.58
CA SER C 75 12.97 -26.47 -5.63
C SER C 75 14.48 -26.47 -5.41
N THR C 76 15.20 -27.48 -5.89
CA THR C 76 16.64 -27.55 -5.70
C THR C 76 17.41 -27.90 -6.96
N THR C 77 16.74 -28.20 -8.06
CA THR C 77 17.41 -28.62 -9.28
C THR C 77 16.98 -27.74 -10.44
N VAL C 78 17.95 -27.24 -11.20
CA VAL C 78 17.72 -26.41 -12.38
C VAL C 78 18.45 -27.05 -13.54
N THR C 79 17.79 -27.07 -14.70
CA THR C 79 18.31 -27.76 -15.88
C THR C 79 18.54 -26.79 -17.02
N LEU C 80 19.67 -26.95 -17.70
CA LEU C 80 19.98 -26.23 -18.93
C LEU C 80 19.98 -27.24 -20.07
N GLN C 81 19.14 -27.00 -21.08
CA GLN C 81 19.02 -27.88 -22.23
C GLN C 81 19.67 -27.20 -23.43
N MET C 82 20.56 -27.91 -24.10
CA MET C 82 21.29 -27.41 -25.26
C MET C 82 20.88 -28.21 -26.49
N THR C 83 20.59 -27.51 -27.57
CA THR C 83 20.20 -28.13 -28.83
C THR C 83 21.03 -27.55 -29.96
N SER C 84 21.19 -28.33 -31.03
CA SER C 84 21.99 -27.93 -32.18
C SER C 84 23.42 -27.59 -31.75
N LEU C 85 23.97 -28.42 -30.85
CA LEU C 85 25.31 -28.17 -30.35
C LEU C 85 26.32 -28.23 -31.48
N THR C 86 27.33 -27.37 -31.40
CA THR C 86 28.41 -27.31 -32.37
C THR C 86 29.74 -27.39 -31.64
N ALA C 87 30.82 -27.45 -32.43
CA ALA C 87 32.15 -27.53 -31.83
C ALA C 87 32.45 -26.31 -30.96
N ALA C 88 31.81 -25.17 -31.26
CA ALA C 88 32.06 -23.94 -30.51
C ALA C 88 31.42 -23.95 -29.13
N ASP C 89 30.59 -24.93 -28.82
CA ASP C 89 29.92 -25.00 -27.52
C ASP C 89 30.70 -25.82 -26.50
N THR C 90 31.91 -26.27 -26.83
CA THR C 90 32.73 -26.99 -25.87
C THR C 90 33.30 -26.00 -24.86
N ALA C 91 33.00 -26.21 -23.59
CA ALA C 91 33.43 -25.30 -22.54
C ALA C 91 32.99 -25.86 -21.20
N THR C 92 33.53 -25.30 -20.13
CA THR C 92 33.14 -25.65 -18.77
C THR C 92 31.93 -24.82 -18.38
N TYR C 93 30.83 -25.48 -18.06
CA TYR C 93 29.56 -24.80 -17.76
C TYR C 93 29.40 -24.70 -16.24
N PHE C 94 29.32 -23.47 -15.75
CA PHE C 94 29.12 -23.20 -14.33
C PHE C 94 27.65 -22.92 -14.07
N CYS C 95 27.16 -23.40 -12.93
CA CYS C 95 25.85 -23.05 -12.42
C CYS C 95 26.05 -22.13 -11.23
N ALA C 96 25.55 -20.90 -11.34
CA ALA C 96 25.77 -19.89 -10.32
C ALA C 96 24.44 -19.32 -9.86
N ARG C 97 24.36 -18.98 -8.57
CA ARG C 97 23.19 -18.35 -8.00
C ARG C 97 23.44 -16.85 -7.91
N ARG C 98 22.61 -16.06 -8.60
CA ARG C 98 22.73 -14.61 -8.57
C ARG C 98 21.98 -14.10 -7.35
N TYR C 99 22.70 -13.94 -6.26
CA TYR C 99 22.10 -13.55 -4.99
C TYR C 99 21.79 -12.05 -5.03
N VAL C 100 20.51 -11.71 -4.98
CA VAL C 100 20.09 -10.31 -4.93
C VAL C 100 20.22 -9.82 -3.50
N PHE C 101 21.32 -9.15 -3.18
CA PHE C 101 21.60 -8.76 -1.82
C PHE C 101 20.58 -7.74 -1.34
N SER C 102 20.70 -7.35 -0.06
CA SER C 102 19.68 -6.53 0.57
C SER C 102 19.50 -5.20 -0.15
N GLY C 103 20.60 -4.56 -0.54
CA GLY C 103 20.51 -3.27 -1.20
C GLY C 103 19.85 -3.32 -2.55
N GLY C 104 19.64 -4.51 -3.11
CA GLY C 104 19.10 -4.67 -4.45
C GLY C 104 20.14 -4.98 -5.50
N TYR C 105 21.42 -4.75 -5.22
CA TYR C 105 22.47 -5.10 -6.15
C TYR C 105 22.71 -6.60 -6.14
N SER C 106 23.04 -7.15 -7.31
CA SER C 106 23.15 -8.58 -7.49
C SER C 106 24.61 -9.00 -7.60
N GLY C 107 24.88 -10.23 -7.19
CA GLY C 107 26.18 -10.83 -7.37
C GLY C 107 26.08 -12.35 -7.37
N LEU C 108 26.87 -13.02 -8.21
CA LEU C 108 26.83 -14.48 -8.29
C LEU C 108 27.49 -15.04 -7.04
N ASP C 109 26.69 -15.12 -5.97
CA ASP C 109 27.23 -15.49 -4.67
C ASP C 109 27.80 -16.90 -4.68
N SER C 110 27.00 -17.87 -5.12
CA SER C 110 27.34 -19.28 -5.06
C SER C 110 27.63 -19.81 -6.45
N TRP C 111 28.73 -20.54 -6.60
CA TRP C 111 29.15 -21.10 -7.87
C TRP C 111 29.28 -22.61 -7.76
N GLY C 112 28.96 -23.30 -8.85
CA GLY C 112 29.18 -24.73 -8.93
C GLY C 112 30.54 -25.03 -9.50
N PRO C 113 31.09 -26.21 -9.18
CA PRO C 113 32.42 -26.55 -9.68
C PRO C 113 32.51 -26.56 -11.20
N GLY C 114 31.43 -26.89 -11.89
CA GLY C 114 31.41 -26.88 -13.34
C GLY C 114 31.66 -28.26 -13.92
N THR C 115 31.02 -28.54 -15.04
CA THR C 115 31.12 -29.82 -15.73
C THR C 115 31.60 -29.60 -17.15
N LEU C 116 32.66 -30.30 -17.54
CA LEU C 116 33.17 -30.18 -18.90
C LEU C 116 32.17 -30.72 -19.89
N VAL C 117 31.94 -29.98 -20.97
CA VAL C 117 31.10 -30.41 -22.08
C VAL C 117 31.93 -30.34 -23.34
N THR C 118 32.02 -31.45 -24.06
CA THR C 118 32.80 -31.55 -25.29
C THR C 118 31.86 -31.89 -26.43
N VAL C 119 31.96 -31.14 -27.52
CA VAL C 119 31.13 -31.32 -28.70
C VAL C 119 32.07 -31.64 -29.86
N SER C 120 32.12 -32.91 -30.26
CA SER C 120 32.97 -33.33 -31.36
C SER C 120 32.75 -34.81 -31.66
N ALA D 1 23.07 -3.19 -28.11
CA ALA D 1 23.38 -4.08 -26.96
C ALA D 1 24.35 -3.41 -26.00
N LEU D 2 24.43 -3.91 -24.78
CA LEU D 2 25.32 -3.38 -23.76
C LEU D 2 26.55 -4.26 -23.67
N VAL D 3 27.72 -3.68 -23.95
CA VAL D 3 29.00 -4.39 -23.95
C VAL D 3 29.91 -3.74 -22.93
N MET D 4 30.52 -4.54 -22.08
CA MET D 4 31.51 -4.08 -21.12
C MET D 4 32.90 -4.42 -21.64
N THR D 5 33.83 -3.47 -21.47
CA THR D 5 35.20 -3.65 -21.91
C THR D 5 36.14 -3.37 -20.74
N GLN D 6 36.99 -4.33 -20.42
CA GLN D 6 38.02 -4.17 -19.39
C GLN D 6 39.31 -3.78 -20.10
N THR D 7 39.62 -2.48 -20.10
CA THR D 7 40.77 -2.02 -20.86
C THR D 7 42.09 -2.69 -20.43
N PRO D 8 42.36 -2.93 -19.14
CA PRO D 8 43.66 -3.54 -18.79
C PRO D 8 43.62 -5.07 -18.88
N SER D 9 43.74 -5.58 -20.11
CA SER D 9 43.60 -7.02 -20.33
C SER D 9 44.68 -7.82 -19.62
N SER D 10 45.77 -7.19 -19.19
CA SER D 10 46.81 -7.88 -18.44
C SER D 10 47.63 -6.83 -17.69
N VAL D 11 47.67 -6.95 -16.38
CA VAL D 11 48.36 -5.99 -15.52
C VAL D 11 49.28 -6.75 -14.58
N SER D 12 50.47 -6.20 -14.37
CA SER D 12 51.47 -6.78 -13.48
C SER D 12 51.84 -5.78 -12.40
N ALA D 13 52.00 -6.27 -11.18
CA ALA D 13 52.36 -5.42 -10.05
C ALA D 13 53.11 -6.26 -9.03
N ALA D 14 54.10 -5.64 -8.40
CA ALA D 14 54.90 -6.34 -7.39
C ALA D 14 54.09 -6.51 -6.11
N VAL D 15 54.57 -7.43 -5.26
CA VAL D 15 53.90 -7.68 -3.99
C VAL D 15 53.83 -6.37 -3.21
N ARG D 16 52.75 -6.22 -2.44
CA ARG D 16 52.44 -5.01 -1.67
C ARG D 16 52.19 -3.81 -2.57
N GLY D 17 52.07 -4.01 -3.87
CA GLY D 17 51.78 -2.93 -4.80
C GLY D 17 50.29 -2.74 -4.99
N THR D 18 49.94 -1.96 -6.00
CA THR D 18 48.56 -1.64 -6.31
C THR D 18 48.27 -1.94 -7.77
N VAL D 19 47.09 -2.48 -8.04
CA VAL D 19 46.64 -2.81 -9.38
C VAL D 19 45.29 -2.16 -9.61
N THR D 20 45.13 -1.50 -10.75
CA THR D 20 43.89 -0.83 -11.11
C THR D 20 43.30 -1.52 -12.33
N ILE D 21 42.06 -1.99 -12.20
CA ILE D 21 41.33 -2.62 -13.28
C ILE D 21 40.09 -1.79 -13.56
N LYS D 22 39.97 -1.30 -14.79
CA LYS D 22 38.86 -0.43 -15.19
C LYS D 22 37.91 -1.20 -16.09
N CYS D 23 36.62 -1.16 -15.76
CA CYS D 23 35.58 -1.85 -16.51
C CYS D 23 34.52 -0.81 -16.85
N GLN D 24 34.49 -0.37 -18.11
CA GLN D 24 33.61 0.71 -18.54
C GLN D 24 32.44 0.14 -19.34
N ALA D 25 31.24 0.58 -19.00
CA ALA D 25 30.02 0.11 -19.64
C ALA D 25 29.72 0.95 -20.88
N SER D 26 29.26 0.28 -21.94
CA SER D 26 28.83 1.00 -23.14
C SER D 26 27.55 1.77 -22.90
N GLU D 27 26.81 1.46 -21.85
CA GLU D 27 25.57 2.13 -21.51
C GLU D 27 25.54 2.37 -20.02
N ASN D 28 24.73 3.34 -19.60
CA ASN D 28 24.70 3.72 -18.19
C ASN D 28 24.01 2.65 -17.35
N ILE D 29 24.79 1.74 -16.78
CA ILE D 29 24.28 0.79 -15.80
C ILE D 29 24.36 1.43 -14.43
N TYR D 30 23.23 1.42 -13.71
CA TYR D 30 23.09 2.22 -12.49
C TYR D 30 23.81 1.54 -11.34
N SER D 31 25.14 1.55 -11.44
CA SER D 31 26.06 1.06 -10.41
C SER D 31 25.85 -0.40 -10.07
N ASN D 32 25.09 -1.14 -10.89
CA ASN D 32 24.88 -2.56 -10.66
C ASN D 32 26.02 -3.31 -11.34
N LEU D 33 27.10 -3.52 -10.60
CA LEU D 33 28.29 -4.17 -11.12
C LEU D 33 28.80 -5.15 -10.08
N ALA D 34 29.51 -6.18 -10.54
CA ALA D 34 30.08 -7.19 -9.67
C ALA D 34 31.46 -7.57 -10.17
N TRP D 35 32.40 -7.74 -9.25
CA TRP D 35 33.78 -8.08 -9.57
C TRP D 35 34.09 -9.47 -9.02
N TYR D 36 34.51 -10.37 -9.90
CA TYR D 36 34.82 -11.74 -9.53
C TYR D 36 36.31 -12.01 -9.71
N GLN D 37 36.86 -12.81 -8.80
CA GLN D 37 38.24 -13.29 -8.89
C GLN D 37 38.20 -14.79 -9.15
N GLN D 38 38.79 -15.22 -10.26
CA GLN D 38 38.78 -16.63 -10.65
C GLN D 38 40.22 -17.12 -10.70
N LYS D 39 40.64 -17.83 -9.66
CA LYS D 39 41.93 -18.49 -9.71
C LYS D 39 41.87 -19.65 -10.70
N PRO D 40 43.02 -20.05 -11.26
CA PRO D 40 43.00 -21.11 -12.28
C PRO D 40 42.34 -22.37 -11.75
N GLY D 41 41.50 -22.97 -12.59
CA GLY D 41 40.82 -24.20 -12.24
C GLY D 41 39.97 -24.06 -10.99
N GLN D 42 39.19 -22.99 -10.91
CA GLN D 42 38.39 -22.71 -9.72
C GLN D 42 37.22 -21.82 -10.12
N PRO D 43 36.03 -22.03 -9.57
CA PRO D 43 34.93 -21.12 -9.89
C PRO D 43 35.26 -19.72 -9.43
N PRO D 44 34.77 -18.70 -10.15
CA PRO D 44 35.04 -17.32 -9.74
C PRO D 44 34.49 -17.04 -8.35
N LYS D 45 35.19 -16.15 -7.64
CA LYS D 45 34.82 -15.74 -6.29
C LYS D 45 34.35 -14.30 -6.33
N LEU D 46 33.13 -14.05 -5.86
CA LEU D 46 32.60 -12.69 -5.84
C LEU D 46 33.39 -11.83 -4.86
N LEU D 47 33.77 -10.64 -5.29
CA LEU D 47 34.46 -9.67 -4.44
C LEU D 47 33.54 -8.52 -4.07
N ILE D 48 32.99 -7.82 -5.06
CA ILE D 48 32.10 -6.68 -4.85
C ILE D 48 30.77 -7.00 -5.50
N TYR D 49 29.68 -6.81 -4.76
CA TYR D 49 28.35 -7.11 -5.28
C TYR D 49 27.62 -5.87 -5.76
N GLY D 50 27.69 -4.78 -5.01
CA GLY D 50 27.27 -3.49 -5.50
C GLY D 50 28.36 -2.92 -6.39
N ALA D 51 28.25 -1.63 -6.67
CA ALA D 51 29.34 -0.98 -7.40
C ALA D 51 30.64 -1.04 -6.59
N SER D 52 30.54 -0.81 -5.28
CA SER D 52 31.72 -0.78 -4.41
C SER D 52 31.47 -1.47 -3.07
N LYS D 53 30.40 -2.26 -2.95
CA LYS D 53 30.03 -2.87 -1.68
C LYS D 53 30.72 -4.22 -1.55
N LEU D 54 31.59 -4.35 -0.54
CA LEU D 54 32.34 -5.58 -0.36
C LEU D 54 31.41 -6.75 -0.07
N ALA D 55 31.79 -7.94 -0.54
CA ALA D 55 31.08 -9.17 -0.25
C ALA D 55 31.58 -9.77 1.06
N SER D 56 30.80 -10.72 1.58
CA SER D 56 31.16 -11.34 2.85
C SER D 56 32.48 -12.09 2.72
N GLY D 57 33.37 -11.89 3.68
CA GLY D 57 34.65 -12.55 3.70
C GLY D 57 35.72 -11.92 2.84
N VAL D 58 35.41 -10.84 2.14
CA VAL D 58 36.36 -10.14 1.26
C VAL D 58 36.95 -8.97 2.03
N PRO D 59 38.26 -8.89 2.20
CA PRO D 59 38.84 -7.77 2.97
C PRO D 59 38.53 -6.44 2.33
N SER D 60 38.93 -5.37 3.03
CA SER D 60 38.80 -4.03 2.49
C SER D 60 39.84 -3.71 1.43
N ARG D 61 40.76 -4.65 1.17
CA ARG D 61 41.77 -4.43 0.14
C ARG D 61 41.15 -4.21 -1.23
N PHE D 62 40.14 -5.01 -1.57
CA PHE D 62 39.47 -4.91 -2.87
C PHE D 62 38.45 -3.80 -2.81
N LYS D 63 38.76 -2.67 -3.43
CA LYS D 63 37.86 -1.52 -3.47
C LYS D 63 37.22 -1.42 -4.85
N GLY D 64 35.90 -1.27 -4.87
CA GLY D 64 35.20 -0.86 -6.07
C GLY D 64 34.90 0.62 -6.00
N SER D 65 34.66 1.22 -7.15
CA SER D 65 34.38 2.65 -7.23
C SER D 65 33.79 2.94 -8.60
N GLY D 66 33.52 4.22 -8.84
CA GLY D 66 32.96 4.65 -10.10
C GLY D 66 31.45 4.67 -10.09
N SER D 67 30.89 5.44 -11.02
CA SER D 67 29.44 5.53 -11.18
C SER D 67 29.14 5.81 -12.64
N GLY D 68 27.93 5.44 -13.05
CA GLY D 68 27.52 5.64 -14.42
C GLY D 68 28.01 4.54 -15.33
N THR D 69 29.04 4.85 -16.13
CA THR D 69 29.61 3.89 -17.07
C THR D 69 31.02 3.45 -16.72
N ASP D 70 31.76 4.24 -15.95
CA ASP D 70 33.15 3.95 -15.62
C ASP D 70 33.25 3.41 -14.19
N TYR D 71 33.85 2.24 -14.04
CA TYR D 71 34.05 1.61 -12.75
C TYR D 71 35.48 1.09 -12.65
N THR D 72 35.95 0.96 -11.41
CA THR D 72 37.34 0.63 -11.13
C THR D 72 37.41 -0.41 -10.03
N LEU D 73 38.44 -1.25 -10.08
CA LEU D 73 38.80 -2.17 -9.01
C LEU D 73 40.23 -1.90 -8.60
N THR D 74 40.49 -1.85 -7.29
CA THR D 74 41.79 -1.53 -6.76
C THR D 74 42.19 -2.56 -5.70
N ILE D 75 43.49 -2.80 -5.57
CA ILE D 75 44.05 -3.74 -4.61
C ILE D 75 45.13 -3.00 -3.85
N ARG D 76 44.88 -2.70 -2.57
CA ARG D 76 45.81 -1.89 -1.80
C ARG D 76 47.17 -2.57 -1.64
N ASP D 77 47.16 -3.81 -1.17
CA ASP D 77 48.36 -4.50 -0.71
C ASP D 77 48.50 -5.84 -1.41
N LEU D 78 48.42 -5.82 -2.73
CA LEU D 78 48.41 -7.01 -3.57
C LEU D 78 49.35 -8.08 -3.03
N GLU D 79 48.79 -9.25 -2.75
CA GLU D 79 49.54 -10.36 -2.16
C GLU D 79 50.03 -11.30 -3.26
N ALA D 80 50.72 -12.37 -2.85
CA ALA D 80 51.18 -13.38 -3.79
C ALA D 80 50.09 -14.35 -4.16
N ALA D 81 48.98 -14.39 -3.42
CA ALA D 81 47.88 -15.29 -3.71
C ALA D 81 46.80 -14.64 -4.59
N ASP D 82 47.03 -13.42 -5.06
CA ASP D 82 46.08 -12.72 -5.90
C ASP D 82 46.38 -12.88 -7.39
N ALA D 83 47.29 -13.78 -7.75
CA ALA D 83 47.62 -14.04 -9.16
C ALA D 83 46.47 -14.84 -9.77
N ALA D 84 45.40 -14.12 -10.13
CA ALA D 84 44.21 -14.73 -10.70
C ALA D 84 43.70 -13.81 -11.80
N THR D 85 42.51 -14.13 -12.31
CA THR D 85 41.86 -13.34 -13.35
C THR D 85 40.61 -12.71 -12.77
N TYR D 86 40.40 -11.43 -13.06
CA TYR D 86 39.30 -10.66 -12.48
C TYR D 86 38.34 -10.25 -13.59
N TYR D 87 37.04 -10.49 -13.35
CA TYR D 87 35.99 -10.18 -14.31
C TYR D 87 35.01 -9.21 -13.68
N CYS D 88 34.30 -8.48 -14.54
CA CYS D 88 33.26 -7.55 -14.12
C CYS D 88 31.98 -7.91 -14.83
N GLN D 89 30.88 -7.99 -14.08
CA GLN D 89 29.58 -8.37 -14.63
C GLN D 89 28.55 -7.31 -14.30
N GLN D 90 27.80 -6.89 -15.32
CA GLN D 90 26.73 -5.91 -15.15
C GLN D 90 25.40 -6.64 -15.15
N PHE D 91 24.63 -6.45 -14.09
CA PHE D 91 23.30 -7.06 -13.98
C PHE D 91 22.19 -6.11 -14.38
N TYR D 92 22.52 -4.89 -14.80
CA TYR D 92 21.49 -3.93 -15.16
C TYR D 92 20.69 -4.39 -16.37
N ASP D 93 21.38 -4.74 -17.44
CA ASP D 93 20.74 -5.12 -18.70
C ASP D 93 20.97 -6.59 -18.96
N SER D 94 19.88 -7.36 -19.02
CA SER D 94 19.93 -8.77 -19.37
C SER D 94 19.01 -9.12 -20.52
N LEU D 95 18.30 -8.15 -21.08
CA LEU D 95 17.36 -8.42 -22.17
C LEU D 95 18.11 -8.74 -23.47
N ASN D 96 18.92 -7.80 -23.94
CA ASN D 96 19.69 -7.94 -25.16
C ASN D 96 21.15 -7.63 -24.84
N THR D 97 21.90 -8.67 -24.47
CA THR D 97 23.32 -8.53 -24.17
C THR D 97 24.04 -9.81 -24.59
N ASP D 98 25.06 -9.67 -25.43
CA ASP D 98 25.83 -10.84 -25.85
C ASP D 98 26.54 -11.49 -24.67
N ASN D 99 27.11 -10.68 -23.77
CA ASN D 99 27.89 -11.19 -22.65
C ASN D 99 27.78 -10.20 -21.50
N ALA D 100 27.40 -10.70 -20.32
CA ALA D 100 27.34 -9.84 -19.15
C ALA D 100 28.73 -9.54 -18.62
N PHE D 101 29.62 -10.52 -18.64
CA PHE D 101 30.97 -10.33 -18.12
C PHE D 101 31.79 -9.45 -19.05
N GLY D 102 32.56 -8.55 -18.46
CA GLY D 102 33.41 -7.66 -19.22
C GLY D 102 34.75 -8.26 -19.58
N GLY D 103 34.78 -9.15 -20.55
CA GLY D 103 36.05 -9.71 -20.98
C GLY D 103 36.74 -10.40 -19.82
N GLY D 104 37.95 -9.97 -19.53
CA GLY D 104 38.70 -10.52 -18.41
C GLY D 104 40.08 -9.91 -18.28
N THR D 105 40.53 -9.70 -17.04
CA THR D 105 41.84 -9.12 -16.75
C THR D 105 42.65 -10.10 -15.92
N LYS D 106 43.86 -10.40 -16.39
CA LYS D 106 44.76 -11.32 -15.70
C LYS D 106 45.78 -10.51 -14.92
N VAL D 107 45.85 -10.76 -13.62
CA VAL D 107 46.75 -10.03 -12.72
C VAL D 107 47.97 -10.88 -12.45
N GLU D 108 49.15 -10.30 -12.67
CA GLU D 108 50.43 -11.00 -12.46
C GLU D 108 51.17 -10.36 -11.30
N ILE D 109 51.85 -11.19 -10.52
CA ILE D 109 52.62 -10.73 -9.36
C ILE D 109 54.08 -10.62 -9.78
N LYS D 110 54.66 -9.45 -9.57
CA LYS D 110 56.05 -9.20 -9.92
C LYS D 110 56.97 -9.49 -8.74
N POV E . -3.50 -6.80 3.38
P POV E . -7.75 -8.21 2.34
C1 POV E . -9.52 -7.72 4.29
C2 POV E . -10.82 -7.22 3.65
C3 POV E . -10.78 -5.69 3.50
C310 POV E . -21.82 -0.70 8.18
C11 POV E . -5.37 -8.57 3.44
O11 POV E . -8.91 -8.69 3.44
C311 POV E . -22.70 0.57 8.01
C12 POV E . -4.16 -7.89 4.17
O12 POV E . -6.38 -7.63 3.11
C312 POV E . -23.47 0.83 9.34
C13 POV E . -2.23 -6.46 4.02
O13 POV E . -8.29 -7.22 1.41
C14 POV E . -3.24 -7.23 1.99
O14 POV E . -7.41 -9.28 1.42
C15 POV E . -4.34 -5.58 3.37
C31 POV E . -12.01 -4.01 4.66
O31 POV E . -11.07 -5.07 4.75
C32 POV E . -13.31 -4.06 5.54
O32 POV E . -11.82 -3.09 3.94
C33 POV E . -14.28 -2.91 5.14
C34 POV E . -15.66 -3.21 5.79
C35 POV E . -16.67 -2.06 5.52
C36 POV E . -17.99 -1.45 6.09
C37 POV E . -19.17 -2.44 5.86
C38 POV E . -20.22 -2.29 7.00
C39 POV E . -20.96 -0.92 6.89
H1 POV E . -9.74 -8.19 5.25
H1A POV E . -8.82 -6.90 4.43
H2 POV E . -10.94 -7.67 2.67
H3 POV E . -11.52 -5.38 2.76
H3A POV E . -9.80 -5.38 3.16
H310 POV E . -21.15 -0.57 9.03
H31A POV E . -22.45 -1.57 8.34
H11 POV E . -5.02 -9.07 2.54
H11A POV E . -5.79 -9.32 4.11
H311 POV E . -22.07 1.42 7.77
H31B POV E . -23.42 0.41 7.21
H12 POV E . -3.42 -8.65 4.39
H12A POV E . -4.52 -7.46 5.11
H32 POV E . -13.80 -5.01 5.38
H312 POV E . -24.02 -0.07 9.64
H32A POV E . -13.03 -3.95 6.58
H31C POV E . -22.77 1.10 10.13
H13 POV E . -1.61 -7.36 4.10
H13A POV E . -1.70 -5.72 3.44
H13B POV E . -2.42 -6.07 5.02
H33 POV E . -13.89 -1.96 5.51
H33A POV E . -14.38 -2.87 4.06
H14 POV E . -2.80 -8.24 2.00
H14A POV E . -4.16 -7.25 1.42
H14B POV E . -2.53 -6.55 1.52
H34 POV E . -16.06 -4.13 5.38
H34A POV E . -15.53 -3.32 6.87
H15 POV E . -3.74 -4.75 3.01
H15A POV E . -5.18 -5.71 2.69
H15B POV E . -4.70 -5.37 4.37
H35 POV E . -16.02 -1.24 5.83
H35A POV E . -17.12 -2.50 4.63
H36 POV E . -17.87 -1.28 7.17
H36A POV E . -18.20 -0.50 5.60
H37 POV E . -19.64 -2.21 4.90
H37A POV E . -18.79 -3.46 5.84
H38 POV E . -20.95 -3.09 6.92
H38A POV E . -19.72 -2.34 7.96
H39 POV E . -21.61 -0.93 6.01
H39A POV E . -20.23 -0.12 6.79
P POV F . -36.98 9.27 13.53
C1 POV F . -34.42 8.56 13.59
C2 POV F . -33.60 7.26 13.62
C3 POV F . -32.52 7.38 14.71
C310 POV F . -21.28 8.75 10.06
O11 POV F . -35.72 8.28 13.08
C311 POV F . -20.60 7.73 9.11
O12 POV F . -38.43 8.62 13.04
C312 POV F . -19.14 7.47 9.60
O13 POV F . -36.96 9.52 14.97
C313 POV F . -19.13 6.42 10.74
O14 POV F . -36.81 10.62 13.01
C314 POV F . -17.68 5.94 10.99
C315 POV F . -17.69 4.81 12.06
C316 POV F . -16.23 4.47 12.46
C31 POV F . -30.39 8.39 15.04
O31 POV F . -31.66 8.48 14.41
C32 POV F . -29.10 8.65 14.22
O32 POV F . -30.32 8.12 16.19
C33 POV F . -28.02 7.57 14.56
C34 POV F . -27.26 7.14 13.27
C35 POV F . -26.51 8.35 12.65
C36 POV F . -25.51 8.70 11.50
C37 POV F . -24.18 7.93 11.75
C38 POV F . -23.50 7.55 10.39
C39 POV F . -22.82 8.80 9.78
H1 POV F . -33.93 9.28 12.94
H1A POV F . -34.51 8.95 14.59
H2 POV F . -34.25 6.42 13.84
H3 POV F . -32.99 7.54 15.68
H3A POV F . -31.94 6.46 14.74
H310 POV F . -20.86 9.74 9.89
H31A POV F . -21.11 8.46 11.09
H311 POV F . -21.15 6.78 9.12
H31B POV F . -20.57 8.12 8.10
H32 POV F . -29.34 8.60 13.15
H312 POV F . -18.71 8.41 9.97
H32A POV F . -28.71 9.64 14.46
H31C POV F . -18.53 7.10 8.77
H33 POV F . -28.51 6.71 15.00
H313 POV F . -19.53 6.87 11.66
H33A POV F . -27.32 7.98 15.27
H31D POV F . -19.75 5.57 10.46
H34 POV F . -26.54 6.36 13.53
H314 POV F . -17.26 5.55 10.07
H34A POV F . -27.98 6.74 12.55
H31E POV F . -17.07 6.77 11.35
H35 POV F . -25.82 8.51 13.47
H315 POV F . -18.23 5.15 12.94
H35A POV F . -27.38 8.79 12.16
H31F POV F . -18.16 3.92 11.65
H36 POV F . -25.93 8.41 10.54
H316 POV F . -15.76 5.36 12.89
H36A POV F . -25.31 9.78 11.51
H31G POV F . -15.68 4.17 11.57
H31H POV F . -16.23 3.67 13.18
H37 POV F . -23.51 8.55 12.33
H37A POV F . -24.39 7.02 12.31
H38 POV F . -22.76 6.78 10.58
H38A POV F . -24.26 7.18 9.70
H39 POV F . -23.24 9.71 10.22
H39A POV F . -22.99 8.82 8.70
C1 NAG G . 4.58 -7.91 -19.75
C2 NAG G . 3.66 -7.44 -20.88
C3 NAG G . 2.79 -8.60 -21.36
C4 NAG G . 3.66 -9.76 -21.83
C5 NAG G . 4.71 -10.07 -20.78
C6 NAG G . 5.58 -11.31 -20.91
C7 NAG G . 2.33 -5.41 -21.27
C8 NAG G . 1.49 -4.33 -20.64
N2 NAG G . 2.82 -6.33 -20.44
O3 NAG G . 1.96 -8.16 -22.43
O4 NAG G . 2.86 -10.91 -22.06
O5 NAG G . 5.43 -8.94 -20.24
O6 NAG G . 6.75 -11.20 -20.12
O7 NAG G . 2.56 -5.42 -22.48
H1 NAG G . 4.03 -8.26 -19.02
H2 NAG G . 4.21 -7.13 -21.63
H3 NAG G . 2.22 -8.90 -20.63
H4 NAG G . 4.10 -9.50 -22.67
H5 NAG G . 5.27 -9.83 -21.54
H61 NAG G . 5.07 -12.09 -20.61
H62 NAG G . 5.83 -11.43 -21.84
H81 NAG G . 0.69 -4.74 -20.26
H82 NAG G . 2.00 -3.89 -19.93
H83 NAG G . 1.24 -3.68 -21.32
HN2 NAG G . 2.62 -6.26 -19.55
HO3 NAG G . 1.78 -8.83 -22.97
HO4 NAG G . 3.28 -11.45 -22.62
HO6 NAG G . 7.31 -11.87 -20.32
C1 NAG H . 16.17 13.54 -10.68
C2 NAG H . 17.70 13.48 -10.53
C3 NAG H . 18.34 14.72 -11.14
C4 NAG H . 17.87 14.92 -12.57
C5 NAG H . 16.34 14.92 -12.63
C6 NAG H . 15.81 14.98 -14.04
C7 NAG H . 18.16 12.15 -8.52
C8 NAG H . 18.57 12.19 -7.08
N2 NAG H . 18.09 13.33 -9.14
O3 NAG H . 19.76 14.59 -11.10
O4 NAG H . 18.36 16.15 -13.08
O5 NAG H . 15.83 13.71 -12.05
O6 NAG H . 14.94 13.89 -14.31
O7 NAG H . 17.91 11.10 -9.09
H1 NAG H . 15.85 14.31 -10.17
H2 NAG H . 18.01 12.70 -11.03
H3 NAG H . 18.09 15.51 -10.61
H4 NAG H . 18.21 14.19 -13.13
H5 NAG H . 16.01 15.69 -12.13
H61 NAG H . 15.32 15.82 -14.16
H62 NAG H . 16.56 14.97 -14.67
H81 NAG H . 17.93 12.71 -6.57
H82 NAG H . 18.60 11.27 -6.73
H83 NAG H . 19.45 12.60 -7.00
HN2 NAG H . 18.28 14.08 -8.66
HO3 NAG H . 20.03 14.59 -10.26
HO4 NAG H . 19.25 16.14 -13.08
HO6 NAG H . 14.47 13.70 -13.58
C1 NAG I . 12.05 -5.44 9.57
C2 NAG I . 13.57 -5.49 9.70
C3 NAG I . 14.09 -6.85 9.25
C4 NAG I . 13.37 -7.97 9.99
C5 NAG I . 11.85 -7.80 9.85
C6 NAG I . 11.07 -8.80 10.67
C7 NAG I . 14.06 -4.26 7.63
C8 NAG I . 14.79 -3.10 7.03
N2 NAG I . 14.20 -4.42 8.95
O3 NAG I . 15.48 -6.93 9.49
O4 NAG I . 13.74 -9.23 9.46
O5 NAG I . 11.46 -6.50 10.31
O6 NAG I . 9.67 -8.62 10.51
O7 NAG I . 13.38 -5.03 6.96
H1 NAG I . 11.80 -5.53 8.62
H2 NAG I . 13.80 -5.38 10.65
H3 NAG I . 13.93 -6.95 8.29
H4 NAG I . 13.60 -7.93 10.93
H5 NAG I . 11.61 -7.89 8.92
H61 NAG I . 11.31 -9.70 10.38
H62 NAG I . 11.31 -8.70 11.61
H81 NAG I . 14.63 -3.08 6.06
H82 NAG I . 15.74 -3.18 7.20
H83 NAG I . 14.46 -2.26 7.42
HN2 NAG I . 14.72 -3.82 9.40
HO3 NAG I . 15.89 -6.22 9.13
HO4 NAG I . 14.62 -9.32 9.50
HO6 NAG I . 9.45 -7.81 10.78
CHA HEM J . -34.20 20.36 4.23
CHB HEM J . -29.46 19.71 3.42
CHC HEM J . -29.63 15.52 5.87
CHD HEM J . -34.39 16.15 6.62
C1A HEM J . -32.90 20.57 3.83
C2A HEM J . -32.39 21.76 3.20
C3A HEM J . -31.09 21.58 2.98
C4A HEM J . -30.72 20.27 3.46
CMA HEM J . -30.14 22.60 2.31
CAA HEM J . -33.22 23.01 2.83
CBA HEM J . -32.87 24.17 3.77
CGA HEM J . -33.67 25.37 3.39
O1A HEM J . -33.33 26.49 3.85
O2A HEM J . -34.64 25.22 2.62
C1B HEM J . -29.11 18.49 3.96
C2B HEM J . -27.84 17.82 3.77
C3B HEM J . -27.87 16.66 4.43
C4B HEM J . -29.17 16.55 5.08
CMB HEM J . -26.65 18.35 2.94
CAB HEM J . -26.68 15.69 4.48
CBB HEM J . -26.80 14.43 4.93
C1C HEM J . -30.93 15.34 6.30
C2C HEM J . -31.40 14.24 7.12
C3C HEM J . -32.71 14.41 7.32
C4C HEM J . -33.12 15.62 6.65
CMC HEM J . -30.52 13.09 7.64
CAC HEM J . -33.68 13.51 8.14
CBC HEM J . -33.25 12.46 8.84
C1D HEM J . -34.74 17.37 6.08
C2D HEM J . -36.03 18.01 6.21
C3D HEM J . -35.98 19.18 5.56
C4D HEM J . -34.66 19.30 4.98
CMD HEM J . -37.24 17.46 6.98
CAD HEM J . -37.13 20.20 5.42
CBD HEM J . -36.70 21.56 5.97
CGD HEM J . -37.85 22.52 5.87
O1D HEM J . -38.95 22.10 5.44
O2D HEM J . -37.67 23.71 6.23
NA HEM J . -31.85 19.68 3.99
NB HEM J . -29.90 17.69 4.76
NC HEM J . -32.00 16.17 6.04
ND HEM J . -33.93 18.18 5.32
FE HEM J . -31.94 17.85 4.90
HHB HEM J . -28.79 20.17 2.88
HHC HEM J . -28.95 15.02 6.36
HHD HEM J . -35.09 15.64 7.08
HMA HEM J . -30.40 22.74 1.37
HMAA HEM J . -30.18 23.45 2.79
HMAB HEM J . -29.22 22.25 2.34
HAA HEM J . -33.03 23.27 1.92
HAAA HEM J . -34.16 22.81 2.92
HBA HEM J . -33.07 23.91 4.69
HBAA HEM J . -31.92 24.37 3.70
HMB HEM J . -26.16 17.60 2.56
HMBA HEM J . -26.98 18.92 2.23
HMBB HEM J . -26.07 18.86 3.53
HAB HEM J . -25.82 15.98 4.18
HBB HEM J . -26.05 13.82 4.81
HBBA HEM J . -27.67 14.06 5.10
HMC HEM J . -30.44 13.16 8.60
HMCA HEM J . -29.64 13.15 7.24
HMCB HEM J . -30.93 12.24 7.41
HAC HEM J . -34.62 13.71 8.13
HBC HEM J . -32.45 12.55 9.38
HBCA HEM J . -33.89 11.78 9.09
HMD HEM J . -36.93 16.91 7.73
HMDA HEM J . -37.79 18.19 7.32
HMDB HEM J . -37.78 16.90 6.38
HAD HEM J . -37.37 20.29 4.49
HADA HEM J . -37.91 19.89 5.91
HBD HEM J . -36.43 21.46 6.90
HBDA HEM J . -35.95 21.90 5.45
HHA HEM J . -34.88 20.95 3.83
CHA HEM K . -12.42 10.66 -0.84
CHB HEM K . -10.88 9.94 3.70
CHC HEM K . -15.33 10.85 5.35
CHD HEM K . -16.91 11.50 0.80
C1A HEM K . -11.60 10.42 0.24
C2A HEM K . -10.18 10.19 0.20
C3A HEM K . -9.75 10.00 1.46
C4A HEM K . -10.90 10.08 2.34
CMA HEM K . -8.30 9.73 1.89
CAA HEM K . -9.28 10.19 -1.05
CBA HEM K . -8.99 11.63 -1.44
CGA HEM K . -8.02 11.64 -2.61
O1A HEM K . -7.58 10.55 -3.02
O2A HEM K . -7.70 12.74 -3.10
C1B HEM K . -11.95 10.10 4.55
C2B HEM K . -11.94 9.90 5.97
C3B HEM K . -13.17 10.14 6.43
C4B HEM K . -14.00 10.52 5.30
CMB HEM K . -10.70 9.46 6.78
CAB HEM K . -13.69 10.09 7.89
CBB HEM K . -12.86 10.00 8.94
C1C HEM K . -16.14 11.16 4.28
C2C HEM K . -17.51 11.62 4.34
C3C HEM K . -17.96 11.81 3.10
C4C HEM K . -16.88 11.46 2.19
CMC HEM K . -18.30 11.86 5.64
CAC HEM K . -19.38 12.30 2.75
CBC HEM K . -19.73 12.59 1.49
C1D HEM K . -15.82 11.38 -0.03
C2D HEM K . -15.80 11.66 -1.44
C3D HEM K . -14.57 11.43 -1.90
C4D HEM K . -13.75 10.99 -0.78
CMD HEM K . -17.01 12.15 -2.28
CAD HEM K . -14.07 11.58 -3.33
CBD HEM K . -13.24 12.86 -3.41
CGD HEM K . -12.85 13.12 -4.84
O1D HEM K . -12.38 14.25 -5.12
O2D HEM K . -13.03 12.21 -5.69
NA HEM K . -12.00 10.34 1.57
NB HEM K . -13.22 10.48 4.16
NC HEM K . -15.79 11.07 2.94
ND HEM K . -14.56 10.98 0.34
FE HEM K . -13.93 10.57 2.25
HHB HEM K . -10.03 9.64 4.11
HHC HEM K . -15.75 10.91 6.24
HHD HEM K . -17.79 11.38 0.39
HMA HEM K . -8.25 9.65 2.86
HMAA HEM K . -7.98 8.89 1.49
HMAB HEM K . -7.73 10.47 1.59
HAA HEM K . -8.46 9.72 -0.86
HAAA HEM K . -9.76 9.75 -1.78
HBA HEM K . -9.81 12.07 -1.71
HBAA HEM K . -8.59 12.10 -0.69
HMB HEM K . -10.96 8.88 7.51
HMBA HEM K . -10.09 8.99 6.20
HMBB HEM K . -10.25 10.26 7.13
HAB HEM K . -14.64 10.05 8.04
HBB HEM K . -13.21 9.69 9.79
HBBA HEM K . -11.96 10.34 8.87
HMC HEM K . -18.24 11.08 6.21
HMCA HEM K . -17.93 12.63 6.10
HMCB HEM K . -19.23 12.03 5.44
HAC HEM K . -20.05 12.34 3.43
HBC HEM K . -19.08 13.01 0.91
HBCA HEM K . -20.67 12.69 1.28
HMD HEM K . -17.79 11.60 -2.07
HMDA HEM K . -17.20 13.08 -2.06
HMDB HEM K . -16.80 12.07 -3.23
HAD HEM K . -13.50 10.82 -3.57
HADA HEM K . -14.81 11.64 -3.96
HBD HEM K . -13.76 13.60 -3.07
HBDA HEM K . -12.43 12.77 -2.88
HHA HEM K . -11.98 10.73 -1.72
P POV L . -6.06 -9.12 7.74
C1 POV L . -7.59 -8.05 9.61
C2 POV L . -8.79 -8.97 9.40
C3 POV L . -9.76 -8.30 8.41
C310 POV L . -21.09 -3.15 12.00
O11 POV L . -6.93 -7.85 8.36
O12 POV L . -4.74 -8.69 7.29
O13 POV L . -6.64 -9.60 6.48
C31 POV L . -12.03 -7.58 8.22
O31 POV L . -11.09 -8.40 8.91
C32 POV L . -13.54 -7.65 8.60
O32 POV L . -11.67 -6.85 7.36
C33 POV L . -14.16 -6.22 8.59
C34 POV L . -14.81 -5.94 9.97
C35 POV L . -15.90 -4.84 9.87
C36 POV L . -17.01 -4.19 10.75
C37 POV L . -17.79 -3.12 9.94
C38 POV L . -18.91 -2.53 10.85
C39 POV L . -20.18 -3.40 10.76
H1 POV L . -7.92 -7.08 10.00
H1A POV L . -6.90 -8.50 10.32
H2 POV L . -9.30 -9.11 10.35
H3 POV L . -9.49 -7.25 8.29
H3A POV L . -9.70 -8.81 7.45
H310 POV L . -20.63 -3.59 12.88
H31A POV L . -22.07 -3.61 11.84
H32 POV L . -14.05 -8.28 7.88
H32A POV L . -13.63 -8.09 9.59
H33 POV L . -13.39 -5.48 8.38
H33A POV L . -14.92 -6.17 7.81
H34 POV L . -15.27 -6.86 10.36
H34A POV L . -14.03 -5.62 10.67
H35 POV L . -15.22 -3.98 9.89
H35A POV L . -16.57 -5.39 9.21
H36 POV L . -17.70 -4.96 11.09
H36A POV L . -16.54 -3.72 11.63
H37 POV L . -18.23 -3.58 9.07
H37A POV L . -17.10 -2.33 9.65
H38 POV L . -19.14 -1.51 10.52
H38A POV L . -18.57 -2.49 11.89
H39 POV L . -20.74 -3.16 9.85
H39A POV L . -19.89 -4.46 10.72
#